data_4ETW
#
_entry.id   4ETW
#
_cell.length_a   57.080
_cell.length_b   57.210
_cell.length_c   60.950
_cell.angle_alpha   101.99
_cell.angle_beta   90.10
_cell.angle_gamma   112.74
#
_symmetry.space_group_name_H-M   'P 1'
#
loop_
_entity.id
_entity.type
_entity.pdbx_description
1 polymer 'Pimelyl-[acyl-carrier protein] methyl ester esterase'
2 polymer 'Acyl carrier protein'
3 non-polymer 'methyl 7-{[2-({N-[(2S)-2-hydroxy-3,3-dimethyl-4-(phosphonooxy)butanoyl]-beta-alanyl}amino)ethyl]sulfanyl}-7-oxoheptanoate'
4 water water
#
loop_
_entity_poly.entity_id
_entity_poly.type
_entity_poly.pdbx_seq_one_letter_code
_entity_poly.pdbx_strand_id
1 'polypeptide(L)'
;MNNIWWQTKGQGNVHLVLLHGWGLNAEVWRCIDEELSSHFTLHLVDLPGFGRSRGFGALSLADMAEAVLQQAPDKAIWLG
WALGGLVASQIALTHPERVQALVTVASSPCFSARDEWPGIKPDVLAGFQQQLSDDFQRTVERFLALQTMGTETARQDARA
LKKTVLALPMPEVDVLNGGLEILKTVDLRQPLQNVSMPFLRLYGYLDGLVPRKVVPMLDKLWPHSESYIFAKAAHAPFIS
HPAEFCHLLVALKQRVLEHHHHHH
;
A,C
2 'polypeptide(L)' STIEERVKKIIGEQLGVKQEEVTNNASFVEDLGADSLDTVELVMALEEEFDTEIPDEEAEKITTVQAAIDYINGHQA D,B
#
loop_
_chem_comp.id
_chem_comp.type
_chem_comp.name
_chem_comp.formula
ZMK non-polymer 'methyl 7-{[2-({N-[(2S)-2-hydroxy-3,3-dimethyl-4-(phosphonooxy)butanoyl]-beta-alanyl}amino)ethyl]sulfanyl}-7-oxoheptanoate' 'C19 H35 N2 O10 P S'
#
# COMPACT_ATOMS: atom_id res chain seq x y z
N ASN A 3 25.30 -1.68 28.33
CA ASN A 3 25.47 -2.27 27.00
C ASN A 3 24.17 -2.23 26.17
N ILE A 4 24.26 -2.75 24.94
CA ILE A 4 23.11 -2.79 24.03
C ILE A 4 22.47 -4.17 24.01
N TRP A 5 21.16 -4.22 24.28
CA TRP A 5 20.40 -5.47 24.23
C TRP A 5 20.15 -5.90 22.79
N TRP A 6 20.58 -7.11 22.43
CA TRP A 6 20.38 -7.68 21.10
C TRP A 6 19.79 -9.05 21.23
N GLN A 7 18.83 -9.36 20.37
CA GLN A 7 18.34 -10.72 20.26
C GLN A 7 18.41 -11.19 18.82
N THR A 8 18.95 -12.38 18.61
CA THR A 8 18.94 -13.03 17.30
C THR A 8 17.94 -14.18 17.32
N LYS A 9 17.13 -14.29 16.28
CA LYS A 9 16.22 -15.41 16.15
C LYS A 9 15.83 -15.63 14.70
N GLY A 10 15.36 -16.84 14.40
CA GLY A 10 14.87 -17.13 13.07
C GLY A 10 15.82 -17.98 12.26
N GLN A 11 15.33 -18.44 11.12
CA GLN A 11 16.01 -19.46 10.32
C GLN A 11 16.50 -18.91 8.98
N GLY A 12 16.05 -17.72 8.60
CA GLY A 12 16.25 -17.23 7.25
C GLY A 12 17.69 -17.05 6.80
N ASN A 13 17.91 -17.08 5.49
CA ASN A 13 19.26 -16.93 4.93
C ASN A 13 19.72 -15.48 4.87
N VAL A 14 18.77 -14.55 4.93
CA VAL A 14 19.12 -13.14 4.88
C VAL A 14 18.94 -12.55 6.27
N HIS A 15 19.87 -11.71 6.69
CA HIS A 15 19.77 -11.11 8.01
C HIS A 15 19.00 -9.78 7.97
N LEU A 16 18.22 -9.52 9.02
CA LEU A 16 17.35 -8.34 9.07
C LEU A 16 17.37 -7.75 10.47
N VAL A 17 17.92 -6.55 10.58
CA VAL A 17 17.94 -5.84 11.85
C VAL A 17 16.67 -5.01 11.98
N LEU A 18 16.00 -5.12 13.11
CA LEU A 18 14.79 -4.32 13.34
C LEU A 18 15.06 -3.27 14.41
N LEU A 19 14.88 -1.97 14.09
CA LEU A 19 15.02 -0.88 15.07
C LEU A 19 13.71 -0.19 15.36
N HIS A 20 13.36 -0.10 16.64
CA HIS A 20 12.05 0.44 17.02
C HIS A 20 12.08 1.97 17.04
N GLY A 21 10.94 2.55 17.38
CA GLY A 21 10.72 3.99 17.38
C GLY A 21 10.83 4.57 18.77
N TRP A 22 10.58 5.88 18.86
CA TRP A 22 10.80 6.61 20.10
C TRP A 22 9.86 6.14 21.20
N GLY A 23 10.40 5.94 22.40
CA GLY A 23 9.56 5.66 23.55
C GLY A 23 9.28 4.18 23.75
N LEU A 24 9.67 3.35 22.78
CA LEU A 24 9.36 1.93 22.83
C LEU A 24 10.60 1.05 22.96
N ASN A 25 10.49 -0.19 22.51
CA ASN A 25 11.60 -1.13 22.62
C ASN A 25 11.39 -2.31 21.66
N ALA A 26 12.30 -3.29 21.65
CA ALA A 26 12.22 -4.36 20.67
C ALA A 26 10.97 -5.22 20.82
N GLU A 27 10.32 -5.15 21.98
CA GLU A 27 9.08 -5.93 22.14
C GLU A 27 7.95 -5.50 21.21
N VAL A 28 8.02 -4.31 20.64
CA VAL A 28 6.97 -3.88 19.70
C VAL A 28 6.89 -4.80 18.48
N TRP A 29 7.96 -5.53 18.21
CA TRP A 29 8.01 -6.40 17.03
C TRP A 29 7.31 -7.73 17.17
N ARG A 30 6.83 -8.05 18.36
CA ARG A 30 6.32 -9.40 18.60
C ARG A 30 5.07 -9.73 17.79
N CYS A 31 4.39 -8.72 17.25
CA CYS A 31 3.24 -8.97 16.38
C CYS A 31 3.66 -9.58 15.03
N ILE A 32 4.89 -9.35 14.60
CA ILE A 32 5.29 -9.93 13.32
C ILE A 32 6.56 -10.82 13.39
N ASP A 33 7.17 -10.97 14.55
CA ASP A 33 8.53 -11.56 14.52
C ASP A 33 8.54 -13.08 14.23
N GLU A 34 7.47 -13.78 14.56
CA GLU A 34 7.40 -15.21 14.22
C GLU A 34 7.35 -15.39 12.72
N GLU A 35 6.49 -14.61 12.08
CA GLU A 35 6.37 -14.65 10.61
C GLU A 35 7.69 -14.23 9.98
N LEU A 36 8.25 -13.10 10.40
CA LEU A 36 9.50 -12.67 9.77
C LEU A 36 10.63 -13.68 10.00
N SER A 37 10.62 -14.33 11.17
CA SER A 37 11.72 -15.22 11.55
C SER A 37 11.72 -16.50 10.71
N SER A 38 10.62 -16.74 10.00
CA SER A 38 10.55 -17.89 9.13
C SER A 38 11.21 -17.57 7.77
N HIS A 39 11.42 -16.29 7.46
CA HIS A 39 12.04 -15.91 6.19
C HIS A 39 13.40 -15.23 6.34
N PHE A 40 13.73 -14.82 7.57
CA PHE A 40 14.96 -14.06 7.80
C PHE A 40 15.67 -14.63 9.03
N THR A 41 16.91 -14.21 9.24
CA THR A 41 17.49 -14.28 10.57
C THR A 41 17.36 -12.89 11.17
N LEU A 42 16.51 -12.75 12.18
CA LEU A 42 16.20 -11.45 12.76
C LEU A 42 17.17 -10.99 13.83
N HIS A 43 17.50 -9.70 13.84
CA HIS A 43 18.30 -9.14 14.91
C HIS A 43 17.56 -7.98 15.53
N LEU A 44 17.02 -8.18 16.72
CA LEU A 44 16.21 -7.16 17.37
C LEU A 44 17.01 -6.39 18.43
N VAL A 45 16.87 -5.07 18.41
CA VAL A 45 17.65 -4.21 19.27
C VAL A 45 16.83 -3.26 20.10
N ASP A 46 17.24 -3.09 21.36
CA ASP A 46 16.75 -1.97 22.15
C ASP A 46 17.71 -0.82 21.89
N LEU A 47 17.21 0.28 21.33
CA LEU A 47 18.09 1.44 21.13
C LEU A 47 18.71 1.89 22.44
N PRO A 48 19.96 2.40 22.39
CA PRO A 48 20.70 2.90 23.56
C PRO A 48 19.83 3.80 24.41
N GLY A 49 19.70 3.46 25.69
CA GLY A 49 18.88 4.19 26.62
C GLY A 49 17.48 3.64 26.73
N PHE A 50 17.02 2.93 25.72
CA PHE A 50 15.65 2.42 25.70
C PHE A 50 15.63 0.95 26.07
N GLY A 51 14.46 0.48 26.49
CA GLY A 51 14.29 -0.91 26.87
C GLY A 51 15.34 -1.41 27.85
N ARG A 52 16.08 -2.43 27.45
CA ARG A 52 17.05 -3.07 28.34
C ARG A 52 18.46 -2.60 28.03
N SER A 53 18.57 -1.61 27.14
CA SER A 53 19.87 -1.00 26.83
C SER A 53 20.17 0.20 27.74
N ARG A 54 20.54 -0.08 28.98
CA ARG A 54 20.56 0.93 30.04
C ARG A 54 21.81 1.77 30.23
N GLY A 55 22.90 1.39 29.57
CA GLY A 55 24.17 2.05 29.86
C GLY A 55 24.28 3.51 29.44
N PHE A 56 23.18 4.13 29.02
CA PHE A 56 23.27 5.36 28.20
C PHE A 56 22.37 6.51 28.63
N GLY A 57 22.82 7.72 28.32
CA GLY A 57 22.00 8.90 28.49
C GLY A 57 21.59 9.38 27.11
N ALA A 58 21.36 10.69 27.00
CA ALA A 58 21.08 11.30 25.71
C ALA A 58 22.27 11.09 24.78
N LEU A 59 22.00 10.83 23.51
CA LEU A 59 23.06 10.62 22.52
C LEU A 59 22.76 11.42 21.26
N SER A 60 23.79 11.72 20.47
CA SER A 60 23.58 12.25 19.14
C SER A 60 23.16 11.08 18.26
N LEU A 61 22.54 11.39 17.13
CA LEU A 61 22.20 10.35 16.17
C LEU A 61 23.45 9.57 15.84
N ALA A 62 24.53 10.29 15.57
CA ALA A 62 25.78 9.65 15.23
C ALA A 62 26.27 8.68 16.31
N ASP A 63 26.24 9.11 17.57
CA ASP A 63 26.66 8.26 18.69
C ASP A 63 25.69 7.07 18.89
N MET A 64 24.41 7.34 18.77
CA MET A 64 23.41 6.26 18.87
C MET A 64 23.69 5.18 17.83
N ALA A 65 23.84 5.58 16.58
CA ALA A 65 24.12 4.63 15.51
C ALA A 65 25.39 3.80 15.73
N GLU A 66 26.48 4.46 16.13
CA GLU A 66 27.75 3.77 16.38
C GLU A 66 27.63 2.74 17.49
N ALA A 67 26.96 3.14 18.58
CA ALA A 67 26.72 2.23 19.68
C ALA A 67 25.95 0.99 19.20
N VAL A 68 24.90 1.21 18.42
CA VAL A 68 24.10 0.12 17.89
C VAL A 68 24.95 -0.76 16.96
N LEU A 69 25.79 -0.13 16.16
CA LEU A 69 26.61 -0.87 15.21
C LEU A 69 27.58 -1.86 15.86
N GLN A 70 27.99 -1.56 17.08
CA GLN A 70 29.01 -2.36 17.77
C GLN A 70 28.82 -3.88 17.69
N GLN A 71 27.64 -4.41 18.03
CA GLN A 71 27.40 -5.86 17.94
C GLN A 71 26.38 -6.24 16.89
N ALA A 72 26.18 -5.34 15.92
CA ALA A 72 25.32 -5.67 14.80
C ALA A 72 25.95 -6.83 14.01
N PRO A 73 25.15 -7.49 13.17
CA PRO A 73 25.73 -8.51 12.28
C PRO A 73 26.65 -7.86 11.27
N ASP A 74 27.48 -8.67 10.64
CA ASP A 74 28.39 -8.24 9.59
C ASP A 74 27.62 -7.54 8.45
N LYS A 75 26.67 -8.26 7.86
CA LYS A 75 25.84 -7.70 6.80
C LYS A 75 24.37 -8.02 7.04
N ALA A 76 23.51 -7.06 6.74
CA ALA A 76 22.09 -7.25 6.97
C ALA A 76 21.27 -6.19 6.25
N ILE A 77 20.01 -6.50 5.99
CA ILE A 77 19.02 -5.46 5.70
C ILE A 77 18.75 -4.71 7.00
N TRP A 78 18.73 -3.38 6.94
CA TRP A 78 18.43 -2.60 8.13
C TRP A 78 17.07 -1.96 8.01
N LEU A 79 16.19 -2.31 8.94
CA LEU A 79 14.83 -1.77 8.98
C LEU A 79 14.64 -0.90 10.21
N GLY A 80 14.33 0.37 9.99
CA GLY A 80 14.17 1.28 11.12
C GLY A 80 12.80 1.91 11.12
N TRP A 81 12.13 1.84 12.25
CA TRP A 81 10.77 2.39 12.36
C TRP A 81 10.83 3.75 13.06
N ALA A 82 10.27 4.77 12.41
CA ALA A 82 10.27 6.13 12.97
C ALA A 82 11.68 6.61 13.34
N LEU A 83 11.92 6.86 14.63
CA LEU A 83 13.30 7.24 15.08
C LEU A 83 14.33 6.18 14.69
N GLY A 84 13.95 4.90 14.75
CA GLY A 84 14.84 3.85 14.32
C GLY A 84 15.21 4.01 12.86
N GLY A 85 14.32 4.62 12.08
CA GLY A 85 14.57 4.87 10.68
C GLY A 85 15.75 5.82 10.45
N LEU A 86 15.85 6.83 11.31
CA LEU A 86 17.02 7.74 11.26
C LEU A 86 18.30 6.99 11.61
N VAL A 87 18.24 6.14 12.62
CA VAL A 87 19.38 5.34 13.01
C VAL A 87 19.79 4.41 11.86
N ALA A 88 18.82 3.69 11.29
CA ALA A 88 19.10 2.90 10.09
C ALA A 88 19.74 3.75 8.99
N SER A 89 19.14 4.90 8.71
CA SER A 89 19.63 5.79 7.65
C SER A 89 21.07 6.27 7.91
N GLN A 90 21.34 6.63 9.17
CA GLN A 90 22.67 7.08 9.58
C GLN A 90 23.71 6.01 9.29
N ILE A 91 23.37 4.77 9.63
CA ILE A 91 24.28 3.66 9.40
C ILE A 91 24.50 3.37 7.91
N ALA A 92 23.41 3.35 7.14
CA ALA A 92 23.52 3.19 5.69
C ALA A 92 24.49 4.22 5.10
N LEU A 93 24.41 5.45 5.58
CA LEU A 93 25.28 6.54 5.09
C LEU A 93 26.75 6.35 5.45
N THR A 94 27.02 6.07 6.72
CA THR A 94 28.40 6.08 7.22
C THR A 94 29.10 4.74 7.06
N HIS A 95 28.33 3.66 6.97
CA HIS A 95 28.89 2.32 6.82
C HIS A 95 28.13 1.49 5.80
N PRO A 96 28.04 2.00 4.56
CA PRO A 96 27.19 1.38 3.53
C PRO A 96 27.51 -0.09 3.30
N GLU A 97 28.70 -0.53 3.70
CA GLU A 97 29.11 -1.91 3.44
C GLU A 97 28.43 -2.90 4.40
N ARG A 98 27.92 -2.39 5.51
CA ARG A 98 27.24 -3.24 6.50
C ARG A 98 25.77 -3.44 6.16
N VAL A 99 25.27 -2.71 5.16
CA VAL A 99 23.85 -2.64 4.90
C VAL A 99 23.49 -3.14 3.51
N GLN A 100 22.83 -4.29 3.43
CA GLN A 100 22.42 -4.86 2.14
C GLN A 100 21.22 -4.14 1.56
N ALA A 101 20.44 -3.49 2.43
CA ALA A 101 19.32 -2.70 1.98
C ALA A 101 18.83 -1.84 3.14
N LEU A 102 18.31 -0.66 2.82
CA LEU A 102 17.79 0.23 3.85
C LEU A 102 16.27 0.27 3.75
N VAL A 103 15.60 0.03 4.86
CA VAL A 103 14.17 0.09 4.89
C VAL A 103 13.79 1.05 6.03
N THR A 104 12.98 2.06 5.72
CA THR A 104 12.38 2.90 6.76
C THR A 104 10.87 2.71 6.76
N VAL A 105 10.28 2.79 7.96
CA VAL A 105 8.86 2.59 8.14
C VAL A 105 8.30 3.74 8.98
N ALA A 106 7.32 4.45 8.43
CA ALA A 106 6.68 5.55 9.13
C ALA A 106 7.74 6.47 9.65
N SER A 107 8.69 6.80 8.79
CA SER A 107 9.84 7.58 9.20
C SER A 107 10.09 8.70 8.20
N SER A 108 10.70 9.78 8.68
CA SER A 108 11.06 10.89 7.79
C SER A 108 12.55 11.21 7.96
N PRO A 109 13.21 11.67 6.89
CA PRO A 109 14.60 12.12 6.98
C PRO A 109 14.75 13.42 7.77
N CYS A 110 13.62 14.09 8.00
CA CYS A 110 13.61 15.38 8.68
C CYS A 110 12.25 15.52 9.34
N PHE A 111 12.15 15.08 10.58
CA PHE A 111 10.85 15.02 11.24
C PHE A 111 10.14 16.36 11.43
N SER A 112 10.91 17.43 11.63
CA SER A 112 10.30 18.76 11.87
C SER A 112 9.99 19.50 10.56
N ALA A 113 8.88 20.23 10.56
CA ALA A 113 8.48 21.02 9.41
C ALA A 113 9.51 22.09 9.10
N ARG A 114 9.75 22.30 7.81
CA ARG A 114 10.53 23.43 7.31
C ARG A 114 9.75 24.07 6.17
N ASP A 115 10.33 25.09 5.56
CA ASP A 115 9.71 25.74 4.40
C ASP A 115 9.50 24.79 3.23
N GLU A 116 8.25 24.72 2.77
CA GLU A 116 7.86 23.78 1.74
C GLU A 116 8.07 22.32 2.17
N TRP A 117 8.41 22.10 3.43
CA TRP A 117 8.66 20.73 3.90
C TRP A 117 7.72 20.34 5.02
N PRO A 118 6.78 19.43 4.73
CA PRO A 118 5.84 18.96 5.74
C PRO A 118 6.59 18.24 6.85
N GLY A 119 6.14 18.44 8.09
CA GLY A 119 6.70 17.71 9.21
C GLY A 119 5.97 18.14 10.47
N ILE A 120 6.53 17.77 11.62
CA ILE A 120 5.94 18.17 12.88
C ILE A 120 6.29 19.64 13.14
N LYS A 121 5.27 20.45 13.44
CA LYS A 121 5.51 21.85 13.75
C LYS A 121 6.34 21.97 15.03
N PRO A 122 7.42 22.73 14.98
CA PRO A 122 8.39 22.94 16.06
C PRO A 122 7.77 23.29 17.41
N ASP A 123 6.70 24.09 17.40
CA ASP A 123 6.01 24.46 18.64
C ASP A 123 5.19 23.29 19.17
N VAL A 124 4.74 22.43 18.26
CA VAL A 124 4.03 21.22 18.66
C VAL A 124 5.01 20.34 19.38
N LEU A 125 6.17 20.11 18.76
CA LEU A 125 7.23 19.29 19.32
C LEU A 125 7.70 19.83 20.67
N ALA A 126 7.87 21.14 20.74
CA ALA A 126 8.29 21.78 21.97
C ALA A 126 7.22 21.64 23.07
N GLY A 127 5.96 21.81 22.69
CA GLY A 127 4.87 21.59 23.62
C GLY A 127 4.93 20.17 24.16
N PHE A 128 5.19 19.20 23.28
CA PHE A 128 5.23 17.80 23.67
C PHE A 128 6.37 17.53 24.67
N GLN A 129 7.54 18.10 24.37
CA GLN A 129 8.77 17.83 25.11
C GLN A 129 8.62 18.30 26.54
N GLN A 130 7.50 18.98 26.75
CA GLN A 130 7.25 19.91 27.86
C GLN A 130 6.31 19.22 28.78
N GLN A 131 5.28 18.67 28.14
CA GLN A 131 4.28 17.88 28.83
C GLN A 131 5.02 16.66 29.30
N LEU A 132 5.98 16.23 28.50
CA LEU A 132 6.77 15.05 28.85
C LEU A 132 7.48 15.35 30.19
N SER A 133 8.17 16.49 30.24
CA SER A 133 8.83 16.93 31.48
C SER A 133 7.82 17.14 32.59
N ASP A 134 6.65 17.66 32.24
CA ASP A 134 5.53 17.71 33.18
C ASP A 134 4.94 16.33 33.43
N ASP A 135 3.73 16.10 32.92
CA ASP A 135 3.00 14.86 33.21
C ASP A 135 3.43 13.72 32.30
N PHE A 136 4.62 13.17 32.56
CA PHE A 136 5.22 12.17 31.70
C PHE A 136 4.32 11.02 31.14
N GLN A 137 3.49 10.36 31.95
CA GLN A 137 2.66 9.25 31.42
C GLN A 137 1.59 9.77 30.50
N ARG A 138 0.76 10.63 31.08
CA ARG A 138 -0.46 10.95 30.41
C ARG A 138 -0.01 11.31 29.02
N THR A 139 1.25 11.76 28.94
CA THR A 139 1.87 12.15 27.69
C THR A 139 2.37 10.94 26.87
N VAL A 140 3.10 10.03 27.51
CA VAL A 140 3.55 8.85 26.80
C VAL A 140 2.34 8.08 26.29
N GLU A 141 1.27 8.09 27.08
CA GLU A 141 0.08 7.31 26.80
C GLU A 141 -0.75 7.97 25.71
N ARG A 142 -0.77 9.30 25.70
CA ARG A 142 -1.44 10.01 24.63
C ARG A 142 -0.67 9.78 23.33
N PHE A 143 0.66 9.74 23.45
CA PHE A 143 1.51 9.49 22.28
C PHE A 143 1.17 8.16 21.60
N LEU A 144 0.90 7.13 22.40
CA LEU A 144 0.54 5.83 21.87
C LEU A 144 -0.79 5.86 21.12
N ALA A 145 -1.76 6.57 21.67
CA ALA A 145 -3.05 6.74 20.99
C ALA A 145 -2.87 7.56 19.71
N LEU A 146 -2.01 8.58 19.78
CA LEU A 146 -1.71 9.40 18.60
C LEU A 146 -1.26 8.53 17.42
N GLN A 147 -0.48 7.50 17.73
CA GLN A 147 0.11 6.63 16.70
C GLN A 147 -0.89 5.80 15.93
N THR A 148 -2.04 5.55 16.53
CA THR A 148 -2.97 4.61 15.91
C THR A 148 -4.28 5.26 15.53
N MET A 149 -4.38 6.57 15.78
CA MET A 149 -5.62 7.30 15.58
C MET A 149 -6.09 7.26 14.14
N GLY A 150 -7.39 7.12 13.96
CA GLY A 150 -8.01 7.19 12.64
C GLY A 150 -8.06 5.88 11.90
N THR A 151 -7.57 4.81 12.51
CA THR A 151 -7.53 3.53 11.84
C THR A 151 -8.63 2.63 12.35
N GLU A 152 -9.00 1.64 11.56
CA GLU A 152 -10.07 0.72 11.92
C GLU A 152 -9.76 -0.05 13.19
N THR A 153 -8.49 -0.19 13.52
CA THR A 153 -8.07 -0.98 14.67
C THR A 153 -7.36 -0.09 15.73
N ALA A 154 -7.72 1.18 15.74
CA ALA A 154 -7.07 2.17 16.60
C ALA A 154 -6.83 1.68 18.02
N ARG A 155 -7.89 1.20 18.66
CA ARG A 155 -7.82 0.93 20.09
C ARG A 155 -7.06 -0.34 20.47
N GLN A 156 -7.23 -1.42 19.72
CA GLN A 156 -6.46 -2.61 20.04
C GLN A 156 -4.97 -2.43 19.70
N ASP A 157 -4.68 -1.64 18.67
CA ASP A 157 -3.29 -1.38 18.32
C ASP A 157 -2.63 -0.50 19.39
N ALA A 158 -3.37 0.46 19.94
CA ALA A 158 -2.85 1.28 21.05
C ALA A 158 -2.60 0.39 22.27
N ARG A 159 -3.50 -0.56 22.48
CA ARG A 159 -3.35 -1.55 23.52
C ARG A 159 -2.10 -2.38 23.34
N ALA A 160 -1.84 -2.83 22.11
CA ALA A 160 -0.65 -3.59 21.83
C ALA A 160 0.60 -2.74 22.10
N LEU A 161 0.54 -1.45 21.80
CA LEU A 161 1.71 -0.59 22.03
C LEU A 161 1.92 -0.35 23.54
N LYS A 162 0.81 -0.14 24.24
CA LYS A 162 0.85 0.04 25.68
C LYS A 162 1.50 -1.18 26.35
N LYS A 163 1.17 -2.37 25.87
CA LYS A 163 1.74 -3.61 26.39
C LYS A 163 3.26 -3.67 26.22
N THR A 164 3.75 -3.10 25.13
CA THR A 164 5.18 -3.04 24.89
C THR A 164 5.79 -2.18 25.96
N VAL A 165 5.20 -1.01 26.15
CA VAL A 165 5.65 -0.06 27.14
C VAL A 165 5.66 -0.70 28.52
N LEU A 166 4.65 -1.52 28.80
CA LEU A 166 4.49 -2.15 30.11
C LEU A 166 5.46 -3.29 30.31
N ALA A 167 5.88 -3.87 29.18
CA ALA A 167 6.76 -5.02 29.18
C ALA A 167 8.05 -4.75 29.94
N LEU A 168 8.46 -3.48 29.98
CA LEU A 168 9.74 -3.11 30.57
C LEU A 168 9.66 -1.76 31.26
N PRO A 169 10.56 -1.52 32.21
CA PRO A 169 10.56 -0.19 32.83
C PRO A 169 10.75 0.89 31.77
N MET A 170 10.09 2.02 31.98
CA MET A 170 10.20 3.15 31.10
C MET A 170 11.61 3.72 31.10
N PRO A 171 12.02 4.32 29.98
CA PRO A 171 13.31 5.02 29.86
C PRO A 171 13.37 6.29 30.72
N GLU A 172 14.57 6.67 31.12
CA GLU A 172 14.80 7.91 31.86
C GLU A 172 14.37 9.10 31.02
N VAL A 173 13.99 10.19 31.67
CA VAL A 173 13.49 11.38 30.97
C VAL A 173 14.57 12.04 30.13
N ASP A 174 15.84 11.89 30.53
CA ASP A 174 16.92 12.48 29.72
C ASP A 174 17.11 11.69 28.41
N VAL A 175 16.87 10.39 28.45
CA VAL A 175 16.92 9.61 27.21
C VAL A 175 15.75 9.98 26.29
N LEU A 176 14.57 10.09 26.87
CA LEU A 176 13.38 10.44 26.08
C LEU A 176 13.63 11.78 25.42
N ASN A 177 14.03 12.75 26.24
CA ASN A 177 14.38 14.09 25.82
C ASN A 177 15.38 14.13 24.68
N GLY A 178 16.43 13.32 24.83
CA GLY A 178 17.51 13.28 23.85
C GLY A 178 16.97 12.77 22.53
N GLY A 179 16.02 11.85 22.59
CA GLY A 179 15.43 11.34 21.37
C GLY A 179 14.66 12.40 20.61
N LEU A 180 13.98 13.29 21.35
CA LEU A 180 13.22 14.39 20.76
C LEU A 180 14.17 15.41 20.11
N GLU A 181 15.35 15.58 20.71
CA GLU A 181 16.40 16.45 20.19
C GLU A 181 16.83 15.95 18.82
N ILE A 182 16.99 14.64 18.70
CA ILE A 182 17.35 14.06 17.40
C ILE A 182 16.29 14.35 16.35
N LEU A 183 15.04 14.08 16.68
CA LEU A 183 13.92 14.27 15.77
C LEU A 183 13.78 15.75 15.39
N LYS A 184 14.03 16.62 16.37
CA LYS A 184 13.93 18.06 16.20
C LYS A 184 14.96 18.60 15.19
N THR A 185 16.16 18.02 15.19
CA THR A 185 17.29 18.69 14.56
C THR A 185 17.86 17.98 13.34
N VAL A 186 17.75 16.65 13.30
CA VAL A 186 18.35 15.91 12.21
C VAL A 186 17.60 16.13 10.89
N ASP A 187 18.35 16.23 9.81
CA ASP A 187 17.79 16.42 8.48
C ASP A 187 18.65 15.71 7.44
N LEU A 188 18.25 14.48 7.11
CA LEU A 188 19.04 13.63 6.20
C LEU A 188 18.60 13.70 4.73
N ARG A 189 17.80 14.69 4.37
CA ARG A 189 17.26 14.76 3.01
C ARG A 189 18.33 14.76 1.92
N GLN A 190 19.33 15.61 2.06
CA GLN A 190 20.37 15.73 1.05
C GLN A 190 21.32 14.53 1.07
N PRO A 191 21.85 14.19 2.26
CA PRO A 191 22.83 13.08 2.26
C PRO A 191 22.27 11.75 1.73
N LEU A 192 20.98 11.51 1.89
CA LEU A 192 20.40 10.22 1.50
C LEU A 192 20.22 10.11 -0.03
N GLN A 193 20.42 11.22 -0.73
CA GLN A 193 20.43 11.17 -2.19
C GLN A 193 21.53 10.24 -2.69
N ASN A 194 22.51 9.99 -1.84
CA ASN A 194 23.73 9.29 -2.24
C ASN A 194 23.79 7.82 -1.88
N VAL A 195 22.85 7.37 -1.05
CA VAL A 195 22.77 5.97 -0.71
C VAL A 195 22.65 5.15 -1.98
N SER A 196 23.46 4.12 -2.10
CA SER A 196 23.45 3.34 -3.35
C SER A 196 22.78 1.97 -3.22
N MET A 197 22.67 1.47 -1.99
CA MET A 197 22.02 0.18 -1.78
C MET A 197 20.50 0.35 -1.99
N PRO A 198 19.80 -0.75 -2.23
CA PRO A 198 18.34 -0.69 -2.39
C PRO A 198 17.72 0.02 -1.19
N PHE A 199 16.75 0.90 -1.44
CA PHE A 199 16.24 1.81 -0.41
C PHE A 199 14.70 1.80 -0.50
N LEU A 200 14.06 1.13 0.46
CA LEU A 200 12.60 0.97 0.47
C LEU A 200 11.99 1.77 1.62
N ARG A 201 11.02 2.61 1.29
CA ARG A 201 10.42 3.48 2.29
C ARG A 201 8.96 3.12 2.42
N LEU A 202 8.53 2.79 3.64
CA LEU A 202 7.13 2.44 3.88
C LEU A 202 6.43 3.51 4.72
N TYR A 203 5.16 3.77 4.42
CA TYR A 203 4.43 4.84 5.13
C TYR A 203 2.99 4.45 5.42
N GLY A 204 2.41 5.08 6.42
CA GLY A 204 0.99 5.00 6.68
C GLY A 204 0.29 6.25 6.13
N TYR A 205 -0.72 6.01 5.33
CA TYR A 205 -1.45 7.08 4.69
C TYR A 205 -2.01 8.02 5.77
N LEU A 206 -2.48 7.44 6.87
CA LEU A 206 -3.09 8.22 7.96
C LEU A 206 -2.15 8.69 9.05
N ASP A 207 -0.84 8.57 8.80
CA ASP A 207 0.16 8.92 9.83
C ASP A 207 0.29 10.43 10.02
N GLY A 208 -0.11 10.93 11.19
CA GLY A 208 0.02 12.35 11.50
C GLY A 208 1.45 12.82 11.77
N LEU A 209 2.32 11.88 12.11
CA LEU A 209 3.68 12.20 12.55
C LEU A 209 4.63 12.34 11.35
N VAL A 210 4.25 11.72 10.25
CA VAL A 210 5.01 11.79 9.00
C VAL A 210 4.00 12.04 7.91
N PRO A 211 3.75 13.32 7.59
CA PRO A 211 2.65 13.65 6.68
C PRO A 211 2.87 12.99 5.31
N ARG A 212 1.86 12.29 4.83
CA ARG A 212 1.96 11.53 3.58
C ARG A 212 2.53 12.35 2.42
N LYS A 213 2.34 13.66 2.51
CA LYS A 213 2.80 14.60 1.51
C LYS A 213 4.28 14.52 1.17
N VAL A 214 5.09 14.05 2.13
CA VAL A 214 6.51 13.93 1.90
C VAL A 214 6.82 12.82 0.90
N VAL A 215 5.90 11.87 0.74
CA VAL A 215 6.21 10.69 -0.09
C VAL A 215 6.53 11.05 -1.55
N PRO A 216 5.64 11.82 -2.22
CA PRO A 216 5.98 12.22 -3.59
C PRO A 216 7.24 13.09 -3.67
N MET A 217 7.46 13.90 -2.65
CA MET A 217 8.62 14.77 -2.59
C MET A 217 9.90 13.95 -2.46
N LEU A 218 9.85 12.91 -1.64
CA LEU A 218 11.00 12.03 -1.50
C LEU A 218 11.18 11.14 -2.73
N ASP A 219 10.07 10.70 -3.33
CA ASP A 219 10.15 9.91 -4.55
C ASP A 219 11.01 10.69 -5.57
N LYS A 220 10.78 12.00 -5.62
CA LYS A 220 11.48 12.91 -6.52
C LYS A 220 12.93 13.12 -6.09
N LEU A 221 13.14 13.45 -4.81
CA LEU A 221 14.47 13.77 -4.28
C LEU A 221 15.41 12.55 -4.27
N TRP A 222 14.82 11.37 -4.10
CA TRP A 222 15.56 10.12 -4.08
C TRP A 222 15.03 9.20 -5.18
N PRO A 223 15.20 9.60 -6.46
CA PRO A 223 14.58 8.90 -7.59
C PRO A 223 14.95 7.42 -7.62
N HIS A 224 16.06 7.11 -6.97
CA HIS A 224 16.57 5.73 -6.94
C HIS A 224 15.94 4.91 -5.81
N SER A 225 15.17 5.58 -4.94
CA SER A 225 14.50 4.88 -3.84
C SER A 225 13.11 4.40 -4.29
N GLU A 226 12.46 3.58 -3.47
CA GLU A 226 11.11 3.09 -3.78
C GLU A 226 10.22 3.35 -2.54
N SER A 227 8.95 3.67 -2.75
CA SER A 227 8.05 3.88 -1.63
C SER A 227 6.77 3.06 -1.75
N TYR A 228 6.19 2.69 -0.62
CA TYR A 228 4.86 2.07 -0.57
C TYR A 228 4.09 2.70 0.59
N ILE A 229 2.82 2.97 0.35
CA ILE A 229 1.95 3.56 1.35
C ILE A 229 0.92 2.52 1.72
N PHE A 230 0.75 2.31 3.01
CA PHE A 230 -0.37 1.51 3.50
C PHE A 230 -1.61 2.41 3.65
N ALA A 231 -2.61 2.19 2.81
CA ALA A 231 -3.79 3.05 2.72
C ALA A 231 -4.52 3.30 4.04
N LYS A 232 -4.61 2.27 4.89
CA LYS A 232 -5.42 2.37 6.08
C LYS A 232 -4.61 2.33 7.36
N ALA A 233 -3.31 2.58 7.24
CA ALA A 233 -2.44 2.54 8.40
C ALA A 233 -2.07 3.95 8.86
N ALA A 234 -1.75 4.07 10.15
CA ALA A 234 -1.17 5.29 10.68
C ALA A 234 0.33 5.10 10.94
N HIS A 235 0.76 5.30 12.17
CA HIS A 235 2.20 5.36 12.44
C HIS A 235 2.83 3.98 12.60
N ALA A 236 2.00 2.96 12.81
CA ALA A 236 2.51 1.60 13.07
C ALA A 236 1.89 0.58 12.11
N PRO A 237 2.27 0.65 10.83
CA PRO A 237 1.59 -0.17 9.82
C PRO A 237 1.84 -1.68 10.03
N PHE A 238 2.94 -2.06 10.69
CA PHE A 238 3.21 -3.47 10.94
C PHE A 238 2.30 -4.04 12.05
N ILE A 239 1.77 -3.15 12.87
CA ILE A 239 0.82 -3.58 13.90
C ILE A 239 -0.54 -3.72 13.28
N SER A 240 -0.96 -2.69 12.56
CA SER A 240 -2.28 -2.70 11.93
C SER A 240 -2.37 -3.61 10.71
N HIS A 241 -1.28 -3.81 9.98
CA HIS A 241 -1.33 -4.63 8.76
C HIS A 241 -0.16 -5.61 8.67
N PRO A 242 -0.07 -6.51 9.65
CA PRO A 242 1.09 -7.42 9.77
C PRO A 242 1.33 -8.26 8.54
N ALA A 243 0.27 -8.83 7.98
CA ALA A 243 0.45 -9.74 6.85
C ALA A 243 0.92 -8.98 5.62
N GLU A 244 0.33 -7.81 5.34
CA GLU A 244 0.79 -7.02 4.19
C GLU A 244 2.25 -6.55 4.38
N PHE A 245 2.57 -6.12 5.59
CA PHE A 245 3.91 -5.68 5.90
C PHE A 245 4.94 -6.79 5.68
N CYS A 246 4.69 -7.97 6.23
CA CYS A 246 5.61 -9.09 6.05
C CYS A 246 5.73 -9.48 4.58
N HIS A 247 4.61 -9.49 3.87
CA HIS A 247 4.64 -9.75 2.43
C HIS A 247 5.61 -8.83 1.68
N LEU A 248 5.62 -7.54 2.00
CA LEU A 248 6.52 -6.63 1.30
C LEU A 248 7.97 -6.90 1.60
N LEU A 249 8.29 -7.17 2.86
CA LEU A 249 9.67 -7.43 3.21
C LEU A 249 10.17 -8.70 2.53
N VAL A 250 9.31 -9.72 2.46
CA VAL A 250 9.70 -10.95 1.80
C VAL A 250 10.04 -10.70 0.33
N ALA A 251 9.22 -9.90 -0.35
CA ALA A 251 9.55 -9.50 -1.72
C ALA A 251 10.86 -8.69 -1.80
N LEU A 252 11.09 -7.78 -0.87
CA LEU A 252 12.38 -7.08 -0.84
C LEU A 252 13.57 -8.05 -0.77
N LYS A 253 13.44 -9.07 0.06
CA LYS A 253 14.51 -10.07 0.25
C LYS A 253 15.02 -10.58 -1.11
N GLN A 254 14.07 -10.87 -2.00
CA GLN A 254 14.35 -11.43 -3.33
C GLN A 254 15.07 -10.47 -4.27
N ARG A 255 15.05 -9.20 -3.94
CA ARG A 255 15.69 -8.19 -4.77
C ARG A 255 17.09 -7.94 -4.27
N VAL A 256 17.37 -8.46 -3.07
CA VAL A 256 18.69 -8.38 -2.47
C VAL A 256 19.51 -9.63 -2.81
N LEU A 257 18.78 -10.67 -3.19
CA LEU A 257 19.25 -11.96 -3.58
C LEU A 257 19.93 -12.68 -2.45
N ASN B 3 -14.80 -10.76 4.00
CA ASN B 3 -15.53 -9.54 3.66
C ASN B 3 -14.91 -8.80 2.47
N ILE B 4 -15.51 -7.66 2.10
CA ILE B 4 -15.03 -6.87 0.98
C ILE B 4 -14.26 -5.64 1.46
N TRP B 5 -13.03 -5.49 1.00
CA TRP B 5 -12.19 -4.34 1.34
C TRP B 5 -12.65 -3.08 0.59
N TRP B 6 -12.99 -2.03 1.33
CA TRP B 6 -13.41 -0.74 0.78
C TRP B 6 -12.60 0.36 1.40
N GLN B 7 -12.22 1.34 0.59
CA GLN B 7 -11.60 2.55 1.11
C GLN B 7 -12.31 3.76 0.54
N THR B 8 -12.65 4.69 1.43
CA THR B 8 -13.20 5.98 1.04
C THR B 8 -12.16 7.06 1.24
N LYS B 9 -11.98 7.91 0.24
CA LYS B 9 -11.09 9.05 0.39
C LYS B 9 -11.49 10.16 -0.55
N GLY B 10 -11.04 11.38 -0.24
CA GLY B 10 -11.25 12.50 -1.12
C GLY B 10 -12.29 13.46 -0.59
N GLN B 11 -12.41 14.61 -1.26
CA GLN B 11 -13.21 15.73 -0.77
C GLN B 11 -14.42 16.04 -1.66
N GLY B 12 -14.45 15.47 -2.86
CA GLY B 12 -15.46 15.82 -3.85
C GLY B 12 -16.92 15.65 -3.47
N ASN B 13 -17.81 16.41 -4.12
CA ASN B 13 -19.23 16.35 -3.86
C ASN B 13 -19.89 15.17 -4.57
N VAL B 14 -19.23 14.64 -5.58
CA VAL B 14 -19.81 13.52 -6.29
C VAL B 14 -19.05 12.27 -5.90
N HIS B 15 -19.75 11.17 -5.66
CA HIS B 15 -19.09 9.92 -5.29
C HIS B 15 -18.73 9.10 -6.53
N LEU B 16 -17.58 8.44 -6.46
CA LEU B 16 -17.09 7.68 -7.59
C LEU B 16 -16.48 6.37 -7.10
N VAL B 17 -17.08 5.26 -7.50
CA VAL B 17 -16.57 3.94 -7.15
C VAL B 17 -15.61 3.47 -8.22
N LEU B 18 -14.43 2.97 -7.83
CA LEU B 18 -13.48 2.47 -8.80
C LEU B 18 -13.32 0.98 -8.63
N LEU B 19 -13.57 0.22 -9.71
CA LEU B 19 -13.39 -1.23 -9.71
C LEU B 19 -12.26 -1.67 -10.62
N HIS B 20 -11.33 -2.46 -10.10
CA HIS B 20 -10.16 -2.84 -10.88
C HIS B 20 -10.46 -4.03 -11.79
N GLY B 21 -9.44 -4.44 -12.53
CA GLY B 21 -9.55 -5.48 -13.52
C GLY B 21 -9.01 -6.80 -13.00
N TRP B 22 -9.02 -7.80 -13.86
CA TRP B 22 -8.67 -9.16 -13.43
C TRP B 22 -7.22 -9.26 -12.99
N GLY B 23 -7.00 -9.99 -11.90
CA GLY B 23 -5.66 -10.28 -11.42
C GLY B 23 -5.06 -9.19 -10.54
N LEU B 24 -5.73 -8.06 -10.43
CA LEU B 24 -5.15 -6.93 -9.71
C LEU B 24 -5.95 -6.57 -8.47
N ASN B 25 -5.84 -5.33 -8.01
CA ASN B 25 -6.55 -4.90 -6.81
C ASN B 25 -6.67 -3.38 -6.83
N ALA B 26 -7.27 -2.81 -5.78
CA ALA B 26 -7.52 -1.36 -5.77
C ALA B 26 -6.23 -0.54 -5.79
N GLU B 27 -5.09 -1.16 -5.51
CA GLU B 27 -3.81 -0.40 -5.53
C GLU B 27 -3.40 0.08 -6.93
N VAL B 28 -4.04 -0.46 -7.97
CA VAL B 28 -3.73 -0.03 -9.32
C VAL B 28 -4.15 1.42 -9.55
N TRP B 29 -5.02 1.93 -8.68
CA TRP B 29 -5.53 3.30 -8.84
C TRP B 29 -4.63 4.39 -8.26
N ARG B 30 -3.54 4.00 -7.60
CA ARG B 30 -2.72 5.00 -6.94
C ARG B 30 -2.03 5.98 -7.88
N CYS B 31 -2.02 5.68 -9.19
CA CYS B 31 -1.41 6.63 -10.12
C CYS B 31 -2.33 7.84 -10.34
N ILE B 32 -3.62 7.68 -10.11
CA ILE B 32 -4.54 8.84 -10.30
C ILE B 32 -5.41 9.20 -9.09
N ASP B 33 -5.28 8.47 -7.98
CA ASP B 33 -6.29 8.66 -6.94
C ASP B 33 -6.17 10.00 -6.17
N GLU B 34 -4.95 10.56 -6.09
CA GLU B 34 -4.81 11.88 -5.47
C GLU B 34 -5.52 12.93 -6.29
N GLU B 35 -5.25 12.95 -7.60
CA GLU B 35 -5.95 13.86 -8.51
C GLU B 35 -7.46 13.65 -8.47
N LEU B 36 -7.91 12.42 -8.64
CA LEU B 36 -9.37 12.17 -8.61
C LEU B 36 -9.99 12.57 -7.27
N SER B 37 -9.24 12.34 -6.18
CA SER B 37 -9.81 12.59 -4.84
C SER B 37 -10.00 14.09 -4.56
N SER B 38 -9.42 14.94 -5.40
CA SER B 38 -9.60 16.37 -5.25
C SER B 38 -10.91 16.82 -5.93
N HIS B 39 -11.48 15.97 -6.78
CA HIS B 39 -12.75 16.31 -7.46
C HIS B 39 -13.91 15.43 -7.07
N PHE B 40 -13.63 14.29 -6.45
CA PHE B 40 -14.67 13.32 -6.10
C PHE B 40 -14.48 12.84 -4.66
N THR B 41 -15.49 12.17 -4.10
CA THR B 41 -15.26 11.29 -2.98
C THR B 41 -15.12 9.88 -3.56
N LEU B 42 -13.92 9.33 -3.45
CA LEU B 42 -13.59 8.03 -4.06
C LEU B 42 -13.92 6.85 -3.19
N HIS B 43 -14.44 5.79 -3.79
CA HIS B 43 -14.63 4.55 -3.06
C HIS B 43 -13.91 3.45 -3.82
N LEU B 44 -12.82 2.98 -3.24
CA LEU B 44 -11.99 1.96 -3.91
C LEU B 44 -12.22 0.57 -3.35
N VAL B 45 -12.38 -0.41 -4.24
CA VAL B 45 -12.76 -1.75 -3.82
C VAL B 45 -11.81 -2.79 -4.32
N ASP B 46 -11.49 -3.77 -3.48
CA ASP B 46 -10.91 -5.01 -3.94
C ASP B 46 -12.07 -5.94 -4.33
N LEU B 47 -12.15 -6.36 -5.58
CA LEU B 47 -13.20 -7.33 -5.94
C LEU B 47 -13.09 -8.61 -5.11
N PRO B 48 -14.25 -9.21 -4.79
CA PRO B 48 -14.35 -10.45 -4.00
C PRO B 48 -13.35 -11.48 -4.51
N GLY B 49 -12.52 -11.98 -3.61
CA GLY B 49 -11.48 -12.93 -3.94
C GLY B 49 -10.14 -12.27 -4.25
N PHE B 50 -10.17 -11.01 -4.63
CA PHE B 50 -8.95 -10.31 -5.05
C PHE B 50 -8.44 -9.40 -3.95
N GLY B 51 -7.17 -9.03 -4.03
CA GLY B 51 -6.58 -8.18 -3.01
C GLY B 51 -6.89 -8.62 -1.60
N ARG B 52 -7.56 -7.76 -0.85
CA ARG B 52 -7.73 -7.99 0.60
C ARG B 52 -9.16 -8.43 0.87
N SER B 53 -9.90 -8.69 -0.20
CA SER B 53 -11.25 -9.24 -0.08
C SER B 53 -11.23 -10.77 -0.12
N ARG B 54 -10.83 -11.38 0.99
CA ARG B 54 -10.45 -12.80 1.01
C ARG B 54 -11.55 -13.83 1.26
N GLY B 55 -12.72 -13.38 1.65
CA GLY B 55 -13.74 -14.33 2.06
C GLY B 55 -14.34 -15.22 0.98
N PHE B 56 -13.77 -15.19 -0.23
CA PHE B 56 -14.49 -15.68 -1.41
C PHE B 56 -13.74 -16.64 -2.33
N GLY B 57 -14.51 -17.49 -3.00
CA GLY B 57 -13.97 -18.34 -4.04
C GLY B 57 -14.45 -17.80 -5.37
N ALA B 58 -14.56 -18.69 -6.36
CA ALA B 58 -15.11 -18.34 -7.67
C ALA B 58 -16.55 -17.87 -7.51
N LEU B 59 -16.95 -16.86 -8.27
CA LEU B 59 -18.30 -16.31 -8.17
C LEU B 59 -18.85 -16.07 -9.56
N SER B 60 -20.18 -16.04 -9.68
CA SER B 60 -20.80 -15.60 -10.91
C SER B 60 -20.71 -14.10 -10.96
N LEU B 61 -20.83 -13.52 -12.15
CA LEU B 61 -20.86 -12.06 -12.27
C LEU B 61 -21.95 -11.53 -11.35
N ALA B 62 -23.12 -12.14 -11.39
CA ALA B 62 -24.23 -11.72 -10.54
C ALA B 62 -23.88 -11.75 -9.05
N ASP B 63 -23.26 -12.83 -8.58
CA ASP B 63 -22.86 -12.92 -7.16
C ASP B 63 -21.75 -11.93 -6.81
N MET B 64 -20.79 -11.79 -7.71
CA MET B 64 -19.71 -10.82 -7.49
C MET B 64 -20.32 -9.43 -7.28
N ALA B 65 -21.15 -8.99 -8.21
CA ALA B 65 -21.75 -7.67 -8.14
C ALA B 65 -22.56 -7.42 -6.87
N GLU B 66 -23.36 -8.40 -6.47
CA GLU B 66 -24.15 -8.29 -5.23
C GLU B 66 -23.26 -8.14 -3.99
N ALA B 67 -22.25 -8.99 -3.90
CA ALA B 67 -21.27 -8.87 -2.83
C ALA B 67 -20.64 -7.47 -2.77
N VAL B 68 -20.22 -6.96 -3.92
CA VAL B 68 -19.62 -5.61 -4.00
C VAL B 68 -20.63 -4.54 -3.57
N LEU B 69 -21.88 -4.71 -4.01
CA LEU B 69 -22.94 -3.75 -3.70
C LEU B 69 -23.23 -3.60 -2.20
N GLN B 70 -23.00 -4.66 -1.43
CA GLN B 70 -23.32 -4.65 0.00
C GLN B 70 -22.92 -3.38 0.79
N GLN B 71 -21.66 -2.95 0.74
CA GLN B 71 -21.32 -1.70 1.44
C GLN B 71 -20.89 -0.59 0.50
N ALA B 72 -21.38 -0.65 -0.74
CA ALA B 72 -21.20 0.46 -1.66
C ALA B 72 -21.91 1.68 -1.11
N PRO B 73 -21.56 2.87 -1.62
CA PRO B 73 -22.30 4.08 -1.24
C PRO B 73 -23.72 4.00 -1.77
N ASP B 74 -24.59 4.86 -1.24
CA ASP B 74 -25.98 4.94 -1.66
C ASP B 74 -26.08 5.25 -3.15
N LYS B 75 -25.46 6.35 -3.57
CA LYS B 75 -25.43 6.74 -4.98
C LYS B 75 -24.02 7.14 -5.38
N ALA B 76 -23.63 6.76 -6.59
CA ALA B 76 -22.30 7.08 -7.09
C ALA B 76 -22.22 6.85 -8.58
N ILE B 77 -21.24 7.50 -9.21
CA ILE B 77 -20.78 7.10 -10.53
C ILE B 77 -19.99 5.80 -10.35
N TRP B 78 -20.24 4.80 -11.17
CA TRP B 78 -19.51 3.54 -11.08
C TRP B 78 -18.58 3.40 -12.26
N LEU B 79 -17.27 3.36 -11.96
CA LEU B 79 -16.26 3.19 -12.97
C LEU B 79 -15.61 1.80 -12.85
N GLY B 80 -15.76 0.98 -13.88
CA GLY B 80 -15.18 -0.35 -13.88
C GLY B 80 -14.13 -0.53 -14.95
N TRP B 81 -12.97 -1.03 -14.57
CA TRP B 81 -11.89 -1.23 -15.53
C TRP B 81 -11.84 -2.70 -15.92
N ALA B 82 -11.95 -2.99 -17.22
CA ALA B 82 -11.88 -4.36 -17.73
C ALA B 82 -12.92 -5.26 -17.06
N LEU B 83 -12.47 -6.28 -16.33
CA LEU B 83 -13.45 -7.11 -15.59
C LEU B 83 -14.34 -6.28 -14.66
N GLY B 84 -13.76 -5.28 -14.02
CA GLY B 84 -14.53 -4.42 -13.17
C GLY B 84 -15.63 -3.71 -13.95
N GLY B 85 -15.40 -3.48 -15.24
CA GLY B 85 -16.41 -2.90 -16.12
C GLY B 85 -17.67 -3.76 -16.25
N LEU B 86 -17.49 -5.07 -16.30
CA LEU B 86 -18.65 -5.99 -16.27
C LEU B 86 -19.40 -5.91 -14.95
N VAL B 87 -18.67 -5.86 -13.84
CA VAL B 87 -19.27 -5.72 -12.53
C VAL B 87 -20.05 -4.39 -12.44
N ALA B 88 -19.42 -3.28 -12.84
CA ALA B 88 -20.13 -2.00 -12.94
C ALA B 88 -21.39 -2.11 -13.81
N SER B 89 -21.24 -2.69 -14.99
CA SER B 89 -22.36 -2.88 -15.92
C SER B 89 -23.49 -3.70 -15.29
N GLN B 90 -23.14 -4.80 -14.63
CA GLN B 90 -24.11 -5.68 -13.96
C GLN B 90 -24.92 -4.90 -12.95
N ILE B 91 -24.23 -4.08 -12.14
CA ILE B 91 -24.90 -3.26 -11.14
C ILE B 91 -25.81 -2.20 -11.75
N ALA B 92 -25.33 -1.51 -12.77
CA ALA B 92 -26.15 -0.52 -13.47
C ALA B 92 -27.44 -1.16 -13.95
N LEU B 93 -27.36 -2.40 -14.44
CA LEU B 93 -28.52 -3.09 -14.98
C LEU B 93 -29.52 -3.50 -13.89
N THR B 94 -29.02 -4.11 -12.82
CA THR B 94 -29.90 -4.68 -11.80
C THR B 94 -30.29 -3.70 -10.70
N HIS B 95 -29.50 -2.66 -10.51
CA HIS B 95 -29.81 -1.64 -9.50
C HIS B 95 -29.56 -0.23 -10.00
N PRO B 96 -30.24 0.16 -11.10
CA PRO B 96 -29.96 1.42 -11.77
C PRO B 96 -30.07 2.64 -10.85
N GLU B 97 -30.78 2.50 -9.75
CA GLU B 97 -30.99 3.61 -8.85
C GLU B 97 -29.74 3.93 -8.01
N ARG B 98 -28.84 2.96 -7.90
CA ARG B 98 -27.59 3.17 -7.14
C ARG B 98 -26.50 3.82 -7.98
N VAL B 99 -26.73 3.95 -9.29
CA VAL B 99 -25.70 4.37 -10.23
C VAL B 99 -26.05 5.67 -10.94
N GLN B 100 -25.32 6.76 -10.63
CA GLN B 100 -25.57 8.05 -11.27
C GLN B 100 -25.01 8.11 -12.69
N ALA B 101 -24.06 7.23 -12.97
CA ALA B 101 -23.47 7.14 -14.30
C ALA B 101 -22.61 5.88 -14.36
N LEU B 102 -22.54 5.27 -15.53
CA LEU B 102 -21.76 4.08 -15.72
C LEU B 102 -20.58 4.42 -16.61
N VAL B 103 -19.39 4.12 -16.14
CA VAL B 103 -18.18 4.34 -16.89
C VAL B 103 -17.45 3.01 -16.98
N THR B 104 -17.18 2.55 -18.19
CA THR B 104 -16.27 1.41 -18.40
C THR B 104 -14.98 1.88 -19.06
N VAL B 105 -13.87 1.27 -18.68
CA VAL B 105 -12.54 1.60 -19.21
C VAL B 105 -11.87 0.32 -19.68
N ALA B 106 -11.48 0.29 -20.95
CA ALA B 106 -10.76 -0.84 -21.52
C ALA B 106 -11.55 -2.09 -21.22
N SER B 107 -12.86 -2.01 -21.45
CA SER B 107 -13.75 -3.10 -21.10
C SER B 107 -14.68 -3.42 -22.27
N SER B 108 -15.15 -4.66 -22.32
CA SER B 108 -16.10 -5.08 -23.34
C SER B 108 -17.32 -5.75 -22.68
N PRO B 109 -18.50 -5.62 -23.30
CA PRO B 109 -19.70 -6.31 -22.77
C PRO B 109 -19.67 -7.82 -23.02
N CYS B 110 -18.73 -8.24 -23.87
CA CYS B 110 -18.59 -9.64 -24.24
C CYS B 110 -17.16 -9.87 -24.63
N PHE B 111 -16.32 -10.28 -23.68
CA PHE B 111 -14.88 -10.31 -23.90
C PHE B 111 -14.42 -11.31 -24.98
N SER B 112 -15.14 -12.42 -25.13
CA SER B 112 -14.74 -13.44 -26.12
C SER B 112 -15.33 -13.15 -27.51
N ALA B 113 -14.54 -13.43 -28.53
CA ALA B 113 -14.98 -13.30 -29.92
C ALA B 113 -16.19 -14.17 -30.22
N ARG B 114 -17.10 -13.61 -31.01
CA ARG B 114 -18.23 -14.34 -31.59
C ARG B 114 -18.26 -13.99 -33.06
N ASP B 115 -19.26 -14.52 -33.76
CA ASP B 115 -19.48 -14.19 -35.16
C ASP B 115 -19.73 -12.69 -35.37
N GLU B 116 -18.91 -12.10 -36.25
CA GLU B 116 -18.97 -10.66 -36.50
C GLU B 116 -18.66 -9.82 -35.24
N TRP B 117 -18.17 -10.47 -34.19
CA TRP B 117 -17.91 -9.77 -32.94
C TRP B 117 -16.48 -9.96 -32.47
N PRO B 118 -15.70 -8.89 -32.59
CA PRO B 118 -14.29 -8.93 -32.19
C PRO B 118 -14.19 -9.18 -30.69
N GLY B 119 -13.22 -10.00 -30.30
CA GLY B 119 -12.94 -10.23 -28.89
C GLY B 119 -11.76 -11.16 -28.77
N ILE B 120 -11.58 -11.70 -27.57
CA ILE B 120 -10.51 -12.67 -27.35
C ILE B 120 -10.93 -14.03 -27.91
N LYS B 121 -10.08 -14.60 -28.76
CA LYS B 121 -10.37 -15.94 -29.31
C LYS B 121 -10.40 -16.97 -28.18
N PRO B 122 -11.48 -17.77 -28.13
CA PRO B 122 -11.74 -18.78 -27.10
C PRO B 122 -10.56 -19.71 -26.83
N ASP B 123 -9.84 -20.11 -27.87
CA ASP B 123 -8.70 -21.02 -27.70
C ASP B 123 -7.51 -20.27 -27.11
N VAL B 124 -7.45 -18.97 -27.37
CA VAL B 124 -6.44 -18.13 -26.76
C VAL B 124 -6.70 -18.06 -25.27
N LEU B 125 -7.95 -17.75 -24.91
CA LEU B 125 -8.38 -17.66 -23.52
C LEU B 125 -8.14 -18.99 -22.78
N ALA B 126 -8.53 -20.09 -23.43
CA ALA B 126 -8.34 -21.41 -22.86
C ALA B 126 -6.85 -21.70 -22.68
N GLY B 127 -6.04 -21.36 -23.68
CA GLY B 127 -4.60 -21.54 -23.56
C GLY B 127 -4.07 -20.79 -22.35
N PHE B 128 -4.58 -19.57 -22.14
CA PHE B 128 -4.17 -18.74 -21.02
C PHE B 128 -4.55 -19.35 -19.68
N GLN B 129 -5.78 -19.81 -19.58
CA GLN B 129 -6.35 -20.34 -18.33
C GLN B 129 -5.59 -21.55 -17.85
N GLN B 130 -4.65 -22.00 -18.71
CA GLN B 130 -4.04 -23.33 -18.75
C GLN B 130 -2.64 -23.15 -18.28
N GLN B 131 -2.03 -22.13 -18.86
CA GLN B 131 -0.70 -21.73 -18.51
C GLN B 131 -0.83 -21.21 -17.10
N LEU B 132 -1.97 -20.61 -16.79
CA LEU B 132 -2.23 -20.10 -15.45
C LEU B 132 -2.15 -21.26 -14.47
N SER B 133 -2.92 -22.32 -14.75
CA SER B 133 -2.91 -23.54 -13.95
C SER B 133 -1.52 -24.16 -13.93
N ASP B 134 -0.82 -24.10 -15.06
CA ASP B 134 0.58 -24.48 -15.12
C ASP B 134 1.46 -23.45 -14.44
N ASP B 135 2.26 -22.72 -15.22
CA ASP B 135 3.23 -21.78 -14.66
C ASP B 135 2.60 -20.44 -14.28
N PHE B 136 1.81 -20.42 -13.26
CA PHE B 136 1.18 -19.24 -12.80
C PHE B 136 1.85 -17.88 -13.05
N GLN B 137 2.98 -17.66 -12.45
CA GLN B 137 3.68 -16.35 -12.49
C GLN B 137 3.93 -15.93 -13.90
N ARG B 138 4.76 -16.76 -14.52
CA ARG B 138 5.36 -16.35 -15.74
C ARG B 138 4.20 -15.90 -16.58
N THR B 139 3.05 -16.49 -16.31
CA THR B 139 1.79 -16.15 -16.95
C THR B 139 1.21 -14.81 -16.44
N VAL B 140 1.11 -14.64 -15.12
CA VAL B 140 0.55 -13.41 -14.57
C VAL B 140 1.43 -12.27 -15.05
N GLU B 141 2.73 -12.54 -15.11
CA GLU B 141 3.71 -11.52 -15.45
C GLU B 141 3.70 -11.17 -16.94
N ARG B 142 3.44 -12.18 -17.77
CA ARG B 142 3.29 -11.94 -19.19
C ARG B 142 2.00 -11.15 -19.44
N PHE B 143 0.95 -11.49 -18.70
CA PHE B 143 -0.31 -10.76 -18.75
C PHE B 143 -0.09 -9.24 -18.55
N LEU B 144 0.74 -8.86 -17.58
CA LEU B 144 0.98 -7.46 -17.27
C LEU B 144 1.68 -6.74 -18.41
N ALA B 145 2.61 -7.42 -19.06
CA ALA B 145 3.31 -6.88 -20.23
C ALA B 145 2.34 -6.78 -21.40
N LEU B 146 1.45 -7.77 -21.51
CA LEU B 146 0.45 -7.76 -22.57
C LEU B 146 -0.41 -6.47 -22.47
N GLN B 147 -0.68 -6.03 -21.24
CA GLN B 147 -1.55 -4.85 -21.04
C GLN B 147 -0.95 -3.56 -21.52
N THR B 148 0.37 -3.51 -21.60
CA THR B 148 1.00 -2.23 -21.91
C THR B 148 1.74 -2.23 -23.23
N MET B 149 1.67 -3.35 -23.93
CA MET B 149 2.49 -3.53 -25.13
C MET B 149 2.15 -2.55 -26.22
N GLY B 150 3.17 -2.06 -26.89
CA GLY B 150 3.03 -1.18 -28.03
C GLY B 150 2.88 0.30 -27.69
N THR B 151 2.97 0.62 -26.42
CA THR B 151 2.82 2.02 -26.02
C THR B 151 4.17 2.64 -25.74
N GLU B 152 4.25 3.96 -25.82
CA GLU B 152 5.50 4.66 -25.58
C GLU B 152 6.06 4.43 -24.19
N THR B 153 5.18 4.11 -23.25
CA THR B 153 5.58 3.92 -21.86
C THR B 153 5.40 2.47 -21.39
N ALA B 154 5.48 1.55 -22.35
CA ALA B 154 5.20 0.13 -22.11
C ALA B 154 5.84 -0.42 -20.84
N ARG B 155 7.14 -0.23 -20.69
CA ARG B 155 7.87 -0.91 -19.63
C ARG B 155 7.66 -0.30 -18.24
N GLN B 156 7.62 1.02 -18.13
CA GLN B 156 7.40 1.58 -16.80
C GLN B 156 5.95 1.34 -16.35
N ASP B 157 5.03 1.26 -17.30
CA ASP B 157 3.64 1.00 -16.96
C ASP B 157 3.50 -0.45 -16.51
N ALA B 158 4.22 -1.38 -17.16
CA ALA B 158 4.21 -2.77 -16.71
C ALA B 158 4.83 -2.87 -15.30
N ARG B 159 5.88 -2.10 -15.08
CA ARG B 159 6.47 -1.97 -13.76
C ARG B 159 5.46 -1.48 -12.72
N ALA B 160 4.69 -0.46 -13.08
CA ALA B 160 3.69 0.05 -12.16
C ALA B 160 2.63 -1.02 -11.85
N LEU B 161 2.25 -1.78 -12.87
CA LEU B 161 1.28 -2.88 -12.63
C LEU B 161 1.88 -4.00 -11.75
N LYS B 162 3.13 -4.34 -12.02
CA LYS B 162 3.82 -5.36 -11.25
C LYS B 162 3.85 -4.97 -9.77
N LYS B 163 4.08 -3.69 -9.50
CA LYS B 163 4.11 -3.16 -8.14
C LYS B 163 2.76 -3.34 -7.42
N THR B 164 1.67 -3.19 -8.16
CA THR B 164 0.34 -3.43 -7.62
C THR B 164 0.22 -4.89 -7.19
N VAL B 165 0.62 -5.77 -8.10
CA VAL B 165 0.61 -7.20 -7.83
C VAL B 165 1.46 -7.53 -6.60
N LEU B 166 2.59 -6.85 -6.46
CA LEU B 166 3.53 -7.11 -5.38
C LEU B 166 3.02 -6.55 -4.07
N ALA B 167 2.17 -5.54 -4.17
CA ALA B 167 1.66 -4.83 -3.02
C ALA B 167 0.94 -5.76 -2.05
N LEU B 168 0.37 -6.83 -2.59
CA LEU B 168 -0.46 -7.75 -1.80
C LEU B 168 -0.27 -9.16 -2.26
N PRO B 169 -0.57 -10.13 -1.38
CA PRO B 169 -0.49 -11.53 -1.81
C PRO B 169 -1.39 -11.76 -3.02
N MET B 170 -0.94 -12.63 -3.92
CA MET B 170 -1.72 -12.97 -5.10
C MET B 170 -2.99 -13.73 -4.70
N PRO B 171 -4.03 -13.61 -5.53
CA PRO B 171 -5.30 -14.35 -5.37
C PRO B 171 -5.15 -15.85 -5.60
N GLU B 172 -6.02 -16.64 -4.98
CA GLU B 172 -6.01 -18.08 -5.15
C GLU B 172 -6.32 -18.41 -6.61
N VAL B 173 -5.84 -19.56 -7.07
CA VAL B 173 -6.03 -19.95 -8.46
C VAL B 173 -7.49 -20.21 -8.80
N ASP B 174 -8.31 -20.56 -7.82
CA ASP B 174 -9.73 -20.76 -8.10
C ASP B 174 -10.46 -19.43 -8.32
N VAL B 175 -10.01 -18.38 -7.63
CA VAL B 175 -10.55 -17.05 -7.89
C VAL B 175 -10.14 -16.55 -9.27
N LEU B 176 -8.87 -16.71 -9.60
CA LEU B 176 -8.35 -16.26 -10.89
C LEU B 176 -9.16 -16.95 -11.96
N ASN B 177 -9.22 -18.26 -11.85
CA ASN B 177 -9.98 -19.13 -12.73
C ASN B 177 -11.44 -18.73 -12.91
N GLY B 178 -12.12 -18.48 -11.80
CA GLY B 178 -13.50 -18.00 -11.84
C GLY B 178 -13.63 -16.69 -12.60
N GLY B 179 -12.64 -15.81 -12.47
CA GLY B 179 -12.70 -14.55 -13.21
C GLY B 179 -12.65 -14.77 -14.70
N LEU B 180 -11.89 -15.78 -15.13
CA LEU B 180 -11.74 -16.09 -16.54
C LEU B 180 -13.05 -16.65 -17.11
N GLU B 181 -13.75 -17.41 -16.26
CA GLU B 181 -15.07 -17.98 -16.55
C GLU B 181 -16.04 -16.84 -16.86
N ILE B 182 -15.98 -15.78 -16.07
CA ILE B 182 -16.86 -14.64 -16.30
C ILE B 182 -16.59 -14.02 -17.66
N LEU B 183 -15.31 -13.75 -17.94
CA LEU B 183 -14.90 -13.15 -19.19
C LEU B 183 -15.25 -14.05 -20.38
N LYS B 184 -15.14 -15.35 -20.15
CA LYS B 184 -15.39 -16.33 -21.17
C LYS B 184 -16.87 -16.37 -21.58
N THR B 185 -17.76 -16.16 -20.62
CA THR B 185 -19.17 -16.49 -20.82
C THR B 185 -20.15 -15.33 -20.82
N VAL B 186 -19.81 -14.26 -20.12
CA VAL B 186 -20.74 -13.14 -20.02
C VAL B 186 -20.86 -12.37 -21.34
N ASP B 187 -22.08 -11.92 -21.64
CA ASP B 187 -22.36 -11.18 -22.85
C ASP B 187 -23.49 -10.21 -22.58
N LEU B 188 -23.13 -8.97 -22.24
CA LEU B 188 -24.09 -7.95 -21.86
C LEU B 188 -24.51 -7.04 -23.02
N ARG B 189 -24.18 -7.42 -24.25
CA ARG B 189 -24.47 -6.53 -25.39
C ARG B 189 -25.93 -6.09 -25.49
N GLN B 190 -26.85 -7.04 -25.44
CA GLN B 190 -28.27 -6.73 -25.56
C GLN B 190 -28.84 -6.03 -24.32
N PRO B 191 -28.59 -6.59 -23.13
CA PRO B 191 -29.18 -5.94 -21.95
C PRO B 191 -28.75 -4.46 -21.76
N LEU B 192 -27.51 -4.13 -22.11
CA LEU B 192 -27.03 -2.76 -21.90
C LEU B 192 -27.67 -1.72 -22.83
N GLN B 193 -28.42 -2.19 -23.84
CA GLN B 193 -29.16 -1.27 -24.68
C GLN B 193 -30.17 -0.50 -23.85
N ASN B 194 -30.50 -1.04 -22.68
CA ASN B 194 -31.58 -0.51 -21.86
C ASN B 194 -31.17 0.42 -20.73
N VAL B 195 -29.88 0.45 -20.43
CA VAL B 195 -29.36 1.36 -19.40
C VAL B 195 -29.77 2.79 -19.74
N SER B 196 -30.31 3.51 -18.76
CA SER B 196 -30.82 4.85 -19.05
C SER B 196 -29.94 5.97 -18.47
N MET B 197 -29.15 5.64 -17.46
CA MET B 197 -28.24 6.63 -16.89
C MET B 197 -27.14 6.95 -17.91
N PRO B 198 -26.45 8.09 -17.75
CA PRO B 198 -25.34 8.43 -18.64
C PRO B 198 -24.32 7.29 -18.67
N PHE B 199 -23.81 6.97 -19.86
CA PHE B 199 -23.01 5.76 -20.06
C PHE B 199 -21.79 6.15 -20.90
N LEU B 200 -20.63 6.21 -20.24
CA LEU B 200 -19.38 6.64 -20.87
C LEU B 200 -18.43 5.45 -21.00
N ARG B 201 -17.93 5.24 -22.20
CA ARG B 201 -17.08 4.10 -22.48
C ARG B 201 -15.72 4.59 -22.93
N LEU B 202 -14.68 4.20 -22.21
CA LEU B 202 -13.31 4.62 -22.55
C LEU B 202 -12.50 3.43 -23.07
N TYR B 203 -11.68 3.65 -24.09
CA TYR B 203 -10.89 2.56 -24.68
C TYR B 203 -9.46 2.95 -25.00
N GLY B 204 -8.57 1.96 -25.03
CA GLY B 204 -7.26 2.18 -25.61
C GLY B 204 -7.23 1.73 -27.07
N TYR B 205 -6.74 2.61 -27.94
CA TYR B 205 -6.63 2.31 -29.34
C TYR B 205 -5.81 1.02 -29.53
N LEU B 206 -4.76 0.88 -28.74
CA LEU B 206 -3.79 -0.22 -28.92
C LEU B 206 -4.09 -1.44 -28.07
N ASP B 207 -5.26 -1.47 -27.45
CA ASP B 207 -5.62 -2.55 -26.52
C ASP B 207 -5.90 -3.87 -27.26
N GLY B 208 -5.04 -4.87 -27.06
CA GLY B 208 -5.23 -6.16 -27.68
C GLY B 208 -6.37 -6.99 -27.08
N LEU B 209 -6.73 -6.67 -25.85
CA LEU B 209 -7.71 -7.44 -25.08
C LEU B 209 -9.17 -7.02 -25.37
N VAL B 210 -9.32 -5.78 -25.83
CA VAL B 210 -10.61 -5.26 -26.25
C VAL B 210 -10.35 -4.59 -27.58
N PRO B 211 -10.56 -5.33 -28.69
CA PRO B 211 -10.18 -4.81 -30.01
C PRO B 211 -10.95 -3.50 -30.29
N ARG B 212 -10.24 -2.47 -30.74
CA ARG B 212 -10.84 -1.14 -30.96
C ARG B 212 -12.05 -1.17 -31.88
N LYS B 213 -12.08 -2.20 -32.74
CA LYS B 213 -13.19 -2.46 -33.65
C LYS B 213 -14.57 -2.47 -33.02
N VAL B 214 -14.63 -2.85 -31.75
CA VAL B 214 -15.92 -2.93 -31.09
C VAL B 214 -16.53 -1.54 -30.87
N VAL B 215 -15.71 -0.50 -30.86
CA VAL B 215 -16.17 0.82 -30.46
C VAL B 215 -17.27 1.37 -31.40
N PRO B 216 -17.02 1.37 -32.71
CA PRO B 216 -18.11 1.82 -33.61
C PRO B 216 -19.34 0.91 -33.54
N MET B 217 -19.12 -0.37 -33.30
CA MET B 217 -20.24 -1.31 -33.23
C MET B 217 -21.07 -1.03 -31.98
N LEU B 218 -20.40 -0.75 -30.87
CA LEU B 218 -21.10 -0.38 -29.65
C LEU B 218 -21.74 1.01 -29.74
N ASP B 219 -21.08 1.96 -30.40
CA ASP B 219 -21.66 3.29 -30.63
C ASP B 219 -23.04 3.12 -31.28
N LYS B 220 -23.10 2.21 -32.25
CA LYS B 220 -24.33 1.89 -32.97
C LYS B 220 -25.34 1.15 -32.09
N LEU B 221 -24.89 0.11 -31.40
CA LEU B 221 -25.78 -0.75 -30.61
C LEU B 221 -26.33 -0.03 -29.39
N TRP B 222 -25.56 0.92 -28.88
CA TRP B 222 -25.93 1.70 -27.70
C TRP B 222 -25.89 3.16 -28.06
N PRO B 223 -26.79 3.60 -28.96
CA PRO B 223 -26.72 4.96 -29.55
C PRO B 223 -26.78 6.03 -28.47
N HIS B 224 -27.31 5.66 -27.32
CA HIS B 224 -27.45 6.59 -26.21
C HIS B 224 -26.17 6.69 -25.36
N SER B 225 -25.21 5.81 -25.63
CA SER B 225 -23.95 5.84 -24.89
C SER B 225 -22.94 6.75 -25.57
N GLU B 226 -21.82 7.05 -24.91
CA GLU B 226 -20.76 7.87 -25.48
C GLU B 226 -19.41 7.12 -25.37
N SER B 227 -18.53 7.26 -26.35
CA SER B 227 -17.23 6.62 -26.28
C SER B 227 -16.08 7.62 -26.49
N TYR B 228 -14.92 7.34 -25.90
CA TYR B 228 -13.68 8.05 -26.20
C TYR B 228 -12.57 7.03 -26.28
N ILE B 229 -11.72 7.16 -27.28
CA ILE B 229 -10.56 6.28 -27.47
C ILE B 229 -9.31 7.08 -27.15
N PHE B 230 -8.44 6.50 -26.32
CA PHE B 230 -7.11 7.05 -26.12
C PHE B 230 -6.18 6.53 -27.22
N ALA B 231 -5.79 7.43 -28.12
CA ALA B 231 -4.99 7.09 -29.29
C ALA B 231 -3.75 6.23 -29.04
N LYS B 232 -3.01 6.53 -27.97
CA LYS B 232 -1.72 5.88 -27.72
C LYS B 232 -1.74 5.02 -26.48
N ALA B 233 -2.93 4.64 -26.04
CA ALA B 233 -3.06 3.78 -24.87
C ALA B 233 -3.39 2.32 -25.24
N ALA B 234 -2.98 1.41 -24.37
CA ALA B 234 -3.39 0.02 -24.49
C ALA B 234 -4.45 -0.29 -23.45
N HIS B 235 -4.19 -1.31 -22.63
CA HIS B 235 -5.25 -1.79 -21.75
C HIS B 235 -5.46 -0.96 -20.50
N ALA B 236 -4.47 -0.12 -20.16
CA ALA B 236 -4.51 0.67 -18.91
C ALA B 236 -4.32 2.16 -19.19
N PRO B 237 -5.32 2.77 -19.82
CA PRO B 237 -5.14 4.17 -20.25
C PRO B 237 -4.94 5.16 -19.09
N PHE B 238 -5.45 4.86 -17.91
CA PHE B 238 -5.25 5.72 -16.75
C PHE B 238 -3.81 5.67 -16.23
N ILE B 239 -3.10 4.59 -16.51
CA ILE B 239 -1.68 4.53 -16.14
C ILE B 239 -0.85 5.29 -17.14
N SER B 240 -1.11 5.01 -18.42
CA SER B 240 -0.33 5.67 -19.46
C SER B 240 -0.72 7.12 -19.71
N HIS B 241 -1.98 7.48 -19.47
CA HIS B 241 -2.40 8.85 -19.75
C HIS B 241 -3.24 9.44 -18.60
N PRO B 242 -2.62 9.57 -17.41
CA PRO B 242 -3.36 9.91 -16.19
C PRO B 242 -4.05 11.25 -16.28
N ALA B 243 -3.36 12.27 -16.81
CA ALA B 243 -3.97 13.59 -16.85
C ALA B 243 -5.13 13.64 -17.83
N GLU B 244 -5.00 13.04 -19.00
CA GLU B 244 -6.13 13.03 -19.94
C GLU B 244 -7.33 12.23 -19.37
N PHE B 245 -7.05 11.10 -18.74
CA PHE B 245 -8.09 10.30 -18.09
C PHE B 245 -8.85 11.09 -17.03
N CYS B 246 -8.13 11.76 -16.11
CA CYS B 246 -8.78 12.49 -15.05
C CYS B 246 -9.58 13.65 -15.61
N HIS B 247 -9.03 14.31 -16.63
CA HIS B 247 -9.75 15.37 -17.32
C HIS B 247 -11.12 14.92 -17.83
N LEU B 248 -11.18 13.74 -18.43
CA LEU B 248 -12.47 13.26 -18.93
C LEU B 248 -13.46 12.98 -17.82
N LEU B 249 -13.02 12.37 -16.73
CA LEU B 249 -13.94 12.09 -15.63
C LEU B 249 -14.45 13.38 -15.03
N VAL B 250 -13.59 14.39 -14.92
CA VAL B 250 -14.03 15.64 -14.34
C VAL B 250 -15.15 16.25 -15.21
N ALA B 251 -14.99 16.20 -16.52
CA ALA B 251 -16.04 16.65 -17.42
C ALA B 251 -17.32 15.81 -17.29
N LEU B 252 -17.19 14.50 -17.17
CA LEU B 252 -18.36 13.66 -16.91
C LEU B 252 -19.14 14.13 -15.66
N LYS B 253 -18.40 14.46 -14.60
CA LYS B 253 -19.01 14.87 -13.33
C LYS B 253 -20.06 15.97 -13.56
N GLN B 254 -19.69 16.94 -14.40
CA GLN B 254 -20.50 18.11 -14.73
C GLN B 254 -21.77 17.79 -15.50
N ARG B 255 -21.83 16.61 -16.09
CA ARG B 255 -22.99 16.20 -16.87
C ARG B 255 -23.94 15.41 -15.99
N VAL B 256 -23.44 15.04 -14.81
CA VAL B 256 -24.22 14.35 -13.81
C VAL B 256 -24.86 15.35 -12.84
N LEU B 257 -24.20 16.49 -12.77
CA LEU B 257 -24.58 17.63 -12.00
C LEU B 257 -24.27 17.52 -10.52
N SER C 1 31.00 -13.46 -10.92
CA SER C 1 29.72 -13.41 -11.62
C SER C 1 29.75 -12.29 -12.67
N THR C 2 30.20 -12.64 -13.87
CA THR C 2 30.47 -11.65 -14.91
C THR C 2 29.23 -11.20 -15.66
N ILE C 3 29.39 -10.18 -16.51
CA ILE C 3 28.29 -9.66 -17.32
C ILE C 3 27.66 -10.78 -18.15
N GLU C 4 28.51 -11.51 -18.85
CA GLU C 4 28.05 -12.58 -19.72
C GLU C 4 27.17 -13.55 -18.94
N GLU C 5 27.67 -14.03 -17.81
CA GLU C 5 26.94 -14.99 -17.01
C GLU C 5 25.61 -14.43 -16.51
N ARG C 6 25.60 -13.16 -16.13
CA ARG C 6 24.40 -12.50 -15.62
C ARG C 6 23.36 -12.33 -16.74
N VAL C 7 23.82 -11.88 -17.90
CA VAL C 7 22.96 -11.78 -19.07
C VAL C 7 22.37 -13.14 -19.43
N LYS C 8 23.22 -14.17 -19.43
CA LYS C 8 22.76 -15.50 -19.78
C LYS C 8 21.77 -16.06 -18.74
N LYS C 9 21.99 -15.74 -17.47
CA LYS C 9 21.05 -16.15 -16.43
C LYS C 9 19.67 -15.55 -16.67
N ILE C 10 19.63 -14.26 -17.02
CA ILE C 10 18.36 -13.58 -17.29
C ILE C 10 17.68 -14.17 -18.50
N ILE C 11 18.43 -14.42 -19.56
CA ILE C 11 17.85 -15.01 -20.76
C ILE C 11 17.30 -16.39 -20.43
N GLY C 12 18.09 -17.18 -19.72
CA GLY C 12 17.72 -18.53 -19.35
C GLY C 12 16.48 -18.58 -18.46
N GLU C 13 16.43 -17.67 -17.48
CA GLU C 13 15.26 -17.56 -16.62
C GLU C 13 14.02 -17.11 -17.41
N GLN C 14 14.20 -16.09 -18.25
CA GLN C 14 13.08 -15.48 -18.98
C GLN C 14 12.43 -16.42 -19.99
N LEU C 15 13.26 -17.13 -20.75
CA LEU C 15 12.76 -17.99 -21.84
C LEU C 15 12.58 -19.44 -21.42
N GLY C 16 13.20 -19.82 -20.29
CA GLY C 16 13.03 -21.15 -19.74
C GLY C 16 14.15 -22.08 -20.10
N VAL C 17 15.23 -21.52 -20.63
CA VAL C 17 16.38 -22.31 -21.01
C VAL C 17 17.34 -22.46 -19.83
N LYS C 18 17.87 -23.67 -19.66
CA LYS C 18 18.95 -23.89 -18.70
C LYS C 18 20.12 -23.07 -19.21
N GLN C 19 20.75 -22.32 -18.33
CA GLN C 19 21.68 -21.27 -18.76
C GLN C 19 23.07 -21.78 -19.10
N GLU C 20 23.34 -23.04 -18.81
CA GLU C 20 24.59 -23.65 -19.22
C GLU C 20 24.52 -23.92 -20.71
N GLU C 21 23.29 -23.97 -21.23
CA GLU C 21 23.05 -24.32 -22.62
C GLU C 21 22.88 -23.11 -23.54
N VAL C 22 22.80 -21.91 -22.95
CA VAL C 22 22.56 -20.69 -23.73
C VAL C 22 23.79 -20.21 -24.49
N THR C 23 23.67 -20.08 -25.82
CA THR C 23 24.81 -19.68 -26.66
C THR C 23 24.85 -18.17 -26.89
N ASN C 24 26.06 -17.64 -27.00
CA ASN C 24 26.27 -16.22 -27.23
C ASN C 24 25.57 -15.75 -28.50
N ASN C 25 25.45 -16.62 -29.48
CA ASN C 25 24.87 -16.24 -30.75
C ASN C 25 23.37 -16.49 -30.82
N ALA C 26 22.79 -16.98 -29.73
CA ALA C 26 21.38 -17.37 -29.74
C ALA C 26 20.48 -16.19 -30.10
N SER C 27 19.60 -16.41 -31.07
CA SER C 27 18.57 -15.45 -31.45
C SER C 27 17.36 -15.64 -30.55
N PHE C 28 16.88 -14.56 -29.94
CA PHE C 28 15.76 -14.67 -29.01
C PHE C 28 14.54 -15.27 -29.69
N VAL C 29 14.20 -14.73 -30.86
CA VAL C 29 13.00 -15.17 -31.56
C VAL C 29 13.24 -16.47 -32.31
N GLU C 30 14.22 -16.47 -33.19
CA GLU C 30 14.46 -17.60 -34.09
C GLU C 30 14.84 -18.87 -33.32
N ASP C 31 15.86 -18.75 -32.49
CA ASP C 31 16.41 -19.90 -31.77
C ASP C 31 15.62 -20.26 -30.52
N LEU C 32 15.23 -19.25 -29.75
CA LEU C 32 14.68 -19.50 -28.43
C LEU C 32 13.15 -19.56 -28.37
N GLY C 33 12.50 -19.15 -29.45
CA GLY C 33 11.05 -19.16 -29.51
C GLY C 33 10.37 -18.00 -28.80
N ALA C 34 11.12 -16.93 -28.55
CA ALA C 34 10.53 -15.76 -27.87
C ALA C 34 9.55 -15.03 -28.78
N ASP C 35 8.44 -14.57 -28.23
CA ASP C 35 7.54 -13.72 -28.98
C ASP C 35 7.71 -12.28 -28.49
N SER C 36 6.86 -11.37 -28.98
CA SER C 36 6.96 -9.95 -28.65
C SER C 36 6.76 -9.67 -27.15
N LEU C 37 5.94 -10.48 -26.49
CA LEU C 37 5.77 -10.43 -25.04
C LEU C 37 7.05 -10.84 -24.29
N ASP C 38 7.63 -11.98 -24.70
CA ASP C 38 8.88 -12.44 -24.09
C ASP C 38 9.98 -11.41 -24.21
N THR C 39 10.06 -10.75 -25.36
CA THR C 39 11.17 -9.82 -25.59
C THR C 39 11.02 -8.56 -24.76
N VAL C 40 9.78 -8.15 -24.50
CA VAL C 40 9.53 -7.05 -23.59
C VAL C 40 10.02 -7.42 -22.19
N GLU C 41 9.54 -8.56 -21.69
CA GLU C 41 9.96 -9.09 -20.39
C GLU C 41 11.48 -9.15 -20.32
N LEU C 42 12.09 -9.68 -21.38
CA LEU C 42 13.53 -9.81 -21.44
C LEU C 42 14.26 -8.48 -21.25
N VAL C 43 13.87 -7.47 -22.03
CA VAL C 43 14.50 -6.15 -21.92
C VAL C 43 14.33 -5.54 -20.52
N MET C 44 13.12 -5.65 -19.99
CA MET C 44 12.82 -5.14 -18.65
C MET C 44 13.71 -5.79 -17.60
N ALA C 45 13.93 -7.09 -17.74
CA ALA C 45 14.75 -7.82 -16.79
C ALA C 45 16.22 -7.40 -16.88
N LEU C 46 16.69 -7.09 -18.09
CA LEU C 46 18.07 -6.62 -18.24
C LEU C 46 18.27 -5.28 -17.53
N GLU C 47 17.36 -4.34 -17.79
CA GLU C 47 17.38 -3.05 -17.11
C GLU C 47 17.41 -3.19 -15.60
N GLU C 48 16.55 -4.06 -15.08
CA GLU C 48 16.50 -4.35 -13.65
C GLU C 48 17.85 -4.85 -13.14
N GLU C 49 18.30 -5.99 -13.68
CA GLU C 49 19.53 -6.63 -13.23
C GLU C 49 20.75 -5.70 -13.24
N PHE C 50 20.81 -4.86 -14.26
CA PHE C 50 21.95 -3.97 -14.46
C PHE C 50 21.68 -2.54 -14.02
N ASP C 51 20.48 -2.30 -13.48
CA ASP C 51 20.12 -0.99 -12.95
C ASP C 51 20.33 0.12 -13.98
N THR C 52 19.89 -0.12 -15.21
CA THR C 52 19.99 0.86 -16.28
C THR C 52 18.68 1.03 -17.02
N GLU C 53 18.62 2.06 -17.85
CA GLU C 53 17.47 2.27 -18.73
C GLU C 53 17.90 2.16 -20.18
N ILE C 54 17.20 1.30 -20.93
CA ILE C 54 17.50 1.08 -22.32
C ILE C 54 16.43 1.72 -23.19
N PRO C 55 16.79 2.77 -23.95
CA PRO C 55 15.85 3.46 -24.83
C PRO C 55 15.31 2.51 -25.89
N ASP C 56 14.07 2.73 -26.33
CA ASP C 56 13.43 1.86 -27.32
C ASP C 56 14.29 1.60 -28.54
N GLU C 57 15.25 2.48 -28.81
CA GLU C 57 16.07 2.38 -30.01
C GLU C 57 17.17 1.32 -29.87
N GLU C 58 17.74 1.20 -28.67
CA GLU C 58 18.73 0.17 -28.37
C GLU C 58 18.02 -1.16 -28.20
N ALA C 59 16.88 -1.10 -27.52
CA ALA C 59 16.13 -2.28 -27.17
C ALA C 59 15.77 -3.02 -28.46
N GLU C 60 15.35 -2.26 -29.45
CA GLU C 60 14.91 -2.81 -30.73
C GLU C 60 16.02 -3.59 -31.44
N LYS C 61 17.26 -3.27 -31.10
CA LYS C 61 18.42 -3.88 -31.74
C LYS C 61 18.85 -5.16 -31.04
N ILE C 62 18.56 -5.25 -29.75
CA ILE C 62 18.99 -6.40 -28.95
C ILE C 62 18.17 -7.65 -29.28
N THR C 63 18.58 -8.35 -30.34
CA THR C 63 17.85 -9.52 -30.82
C THR C 63 18.55 -10.84 -30.50
N THR C 64 19.80 -10.75 -30.04
CA THR C 64 20.56 -11.94 -29.68
C THR C 64 21.23 -11.76 -28.31
N VAL C 65 21.59 -12.88 -27.71
CA VAL C 65 22.35 -12.89 -26.47
C VAL C 65 23.58 -11.97 -26.55
N GLN C 66 24.31 -12.05 -27.65
CA GLN C 66 25.55 -11.28 -27.78
C GLN C 66 25.28 -9.78 -27.79
N ALA C 67 24.18 -9.39 -28.41
CA ALA C 67 23.82 -7.97 -28.47
C ALA C 67 23.51 -7.46 -27.07
N ALA C 68 22.93 -8.32 -26.25
CA ALA C 68 22.62 -7.95 -24.87
C ALA C 68 23.91 -7.77 -24.08
N ILE C 69 24.82 -8.72 -24.23
CA ILE C 69 26.12 -8.63 -23.58
C ILE C 69 26.85 -7.37 -23.99
N ASP C 70 26.85 -7.08 -25.29
CA ASP C 70 27.53 -5.92 -25.83
C ASP C 70 27.00 -4.61 -25.26
N TYR C 71 25.68 -4.43 -25.33
CA TYR C 71 25.10 -3.19 -24.86
C TYR C 71 25.40 -2.99 -23.37
N ILE C 72 25.10 -4.01 -22.58
CA ILE C 72 25.24 -3.92 -21.11
C ILE C 72 26.69 -3.59 -20.66
N ASN C 73 27.63 -4.24 -21.33
CA ASN C 73 29.05 -4.06 -21.25
C ASN C 73 29.47 -2.59 -21.27
N GLY C 74 29.22 -1.99 -22.43
CA GLY C 74 29.65 -0.63 -22.72
C GLY C 74 28.88 0.42 -21.96
N HIS C 75 28.32 0.05 -20.80
CA HIS C 75 27.55 0.98 -19.99
C HIS C 75 27.68 0.69 -18.49
N SER D 1 -18.42 1.27 46.04
CA SER D 1 -17.82 1.87 44.85
C SER D 1 -18.67 1.54 43.62
N THR D 2 -19.66 2.38 43.34
CA THR D 2 -20.67 2.10 42.32
C THR D 2 -20.19 2.42 40.91
N ILE D 3 -21.00 2.03 39.93
CA ILE D 3 -20.70 2.27 38.52
C ILE D 3 -20.48 3.76 38.27
N GLU D 4 -21.43 4.57 38.74
CA GLU D 4 -21.37 6.01 38.56
C GLU D 4 -20.03 6.54 39.04
N GLU D 5 -19.69 6.22 40.30
CA GLU D 5 -18.47 6.71 40.90
C GLU D 5 -17.23 6.26 40.12
N ARG D 6 -17.24 5.02 39.64
CA ARG D 6 -16.11 4.47 38.90
C ARG D 6 -15.96 5.18 37.54
N VAL D 7 -17.09 5.36 36.85
CA VAL D 7 -17.10 6.07 35.59
C VAL D 7 -16.59 7.49 35.78
N LYS D 8 -17.06 8.15 36.83
CA LYS D 8 -16.65 9.52 37.09
C LYS D 8 -15.19 9.60 37.45
N LYS D 9 -14.69 8.60 38.18
CA LYS D 9 -13.27 8.57 38.51
C LYS D 9 -12.42 8.48 37.24
N ILE D 10 -12.83 7.64 36.30
CA ILE D 10 -12.11 7.51 35.03
C ILE D 10 -12.15 8.79 34.21
N ILE D 11 -13.32 9.43 34.14
CA ILE D 11 -13.45 10.69 33.41
C ILE D 11 -12.55 11.73 34.06
N GLY D 12 -12.61 11.80 35.38
CA GLY D 12 -11.85 12.77 36.14
C GLY D 12 -10.35 12.59 36.02
N GLU D 13 -9.91 11.34 36.07
CA GLU D 13 -8.51 11.03 35.86
C GLU D 13 -8.07 11.36 34.44
N GLN D 14 -8.89 10.95 33.46
CA GLN D 14 -8.54 11.10 32.04
C GLN D 14 -8.44 12.54 31.58
N LEU D 15 -9.40 13.37 31.99
CA LEU D 15 -9.49 14.76 31.54
C LEU D 15 -8.83 15.74 32.49
N GLY D 16 -8.59 15.31 33.72
CA GLY D 16 -7.88 16.12 34.70
C GLY D 16 -8.82 16.85 35.64
N VAL D 17 -10.08 16.43 35.64
CA VAL D 17 -11.08 17.04 36.50
C VAL D 17 -11.11 16.33 37.85
N LYS D 18 -11.19 17.11 38.93
CA LYS D 18 -11.47 16.54 40.25
C LYS D 18 -12.84 15.90 40.15
N GLN D 19 -12.97 14.66 40.61
CA GLN D 19 -14.14 13.86 40.30
C GLN D 19 -15.36 14.16 41.17
N GLU D 20 -15.17 14.96 42.22
CA GLU D 20 -16.31 15.41 43.02
C GLU D 20 -17.07 16.46 42.22
N GLU D 21 -16.39 17.03 41.23
CA GLU D 21 -16.93 18.14 40.47
C GLU D 21 -17.54 17.70 39.13
N VAL D 22 -17.37 16.43 38.78
CA VAL D 22 -17.85 15.93 37.48
C VAL D 22 -19.36 15.71 37.47
N THR D 23 -20.05 16.32 36.50
CA THR D 23 -21.50 16.21 36.44
C THR D 23 -21.98 15.12 35.47
N ASN D 24 -23.09 14.50 35.82
CA ASN D 24 -23.66 13.44 35.02
C ASN D 24 -23.93 13.89 33.59
N ASN D 25 -24.24 15.17 33.42
CA ASN D 25 -24.58 15.68 32.10
C ASN D 25 -23.36 16.20 31.31
N ALA D 26 -22.19 16.11 31.91
CA ALA D 26 -21.02 16.76 31.32
C ALA D 26 -20.73 16.19 29.95
N SER D 27 -20.56 17.09 28.99
CA SER D 27 -20.13 16.74 27.64
C SER D 27 -18.61 16.65 27.57
N PHE D 28 -18.09 15.53 27.05
CA PHE D 28 -16.64 15.36 27.05
C PHE D 28 -15.94 16.47 26.28
N VAL D 29 -16.47 16.78 25.11
CA VAL D 29 -15.84 17.75 24.24
C VAL D 29 -16.23 19.18 24.64
N GLU D 30 -17.53 19.44 24.67
CA GLU D 30 -18.01 20.80 24.89
C GLU D 30 -17.62 21.30 26.28
N ASP D 31 -17.99 20.54 27.31
CA ASP D 31 -17.80 20.95 28.69
C ASP D 31 -16.38 20.72 29.19
N LEU D 32 -15.81 19.56 28.86
CA LEU D 32 -14.56 19.14 29.49
C LEU D 32 -13.30 19.47 28.68
N GLY D 33 -13.46 19.87 27.42
CA GLY D 33 -12.34 20.23 26.57
C GLY D 33 -11.59 19.04 25.99
N ALA D 34 -12.26 17.90 25.93
CA ALA D 34 -11.62 16.71 25.36
C ALA D 34 -11.51 16.83 23.85
N ASP D 35 -10.38 16.41 23.31
CA ASP D 35 -10.26 16.33 21.86
C ASP D 35 -10.38 14.86 21.45
N SER D 36 -10.16 14.57 20.17
CA SER D 36 -10.32 13.20 19.64
C SER D 36 -9.35 12.19 20.28
N LEU D 37 -8.18 12.68 20.68
CA LEU D 37 -7.21 11.87 21.42
C LEU D 37 -7.71 11.53 22.83
N ASP D 38 -8.22 12.54 23.54
CA ASP D 38 -8.76 12.33 24.88
C ASP D 38 -9.91 11.35 24.87
N THR D 39 -10.75 11.43 23.85
CA THR D 39 -11.91 10.55 23.81
C THR D 39 -11.54 9.09 23.53
N VAL D 40 -10.48 8.88 22.74
CA VAL D 40 -9.96 7.54 22.54
C VAL D 40 -9.46 6.97 23.86
N GLU D 41 -8.61 7.73 24.54
CA GLU D 41 -8.09 7.35 25.85
C GLU D 41 -9.23 7.04 26.80
N LEU D 42 -10.23 7.92 26.80
CA LEU D 42 -11.39 7.77 27.65
C LEU D 42 -12.11 6.43 27.43
N VAL D 43 -12.46 6.12 26.19
CA VAL D 43 -13.12 4.85 25.90
C VAL D 43 -12.28 3.63 26.29
N MET D 44 -10.98 3.68 25.98
CA MET D 44 -10.06 2.59 26.33
C MET D 44 -10.03 2.36 27.82
N ALA D 45 -10.07 3.45 28.59
CA ALA D 45 -10.02 3.34 30.04
C ALA D 45 -11.30 2.72 30.59
N LEU D 46 -12.44 3.03 29.97
CA LEU D 46 -13.71 2.46 30.42
C LEU D 46 -13.70 0.95 30.23
N GLU D 47 -13.30 0.51 29.04
CA GLU D 47 -13.17 -0.91 28.73
C GLU D 47 -12.29 -1.62 29.74
N GLU D 48 -11.14 -1.03 30.03
CA GLU D 48 -10.22 -1.57 31.02
C GLU D 48 -10.90 -1.73 32.39
N GLU D 49 -11.34 -0.61 32.95
CA GLU D 49 -11.94 -0.58 34.30
C GLU D 49 -13.08 -1.60 34.44
N PHE D 50 -13.90 -1.71 33.40
CA PHE D 50 -15.07 -2.56 33.45
C PHE D 50 -14.87 -3.91 32.77
N ASP D 51 -13.66 -4.15 32.28
CA ASP D 51 -13.31 -5.43 31.67
C ASP D 51 -14.29 -5.80 30.56
N THR D 52 -14.59 -4.83 29.69
CA THR D 52 -15.48 -5.07 28.56
C THR D 52 -14.90 -4.52 27.27
N GLU D 53 -15.54 -4.89 26.16
CA GLU D 53 -15.18 -4.35 24.86
C GLU D 53 -16.34 -3.56 24.28
N ILE D 54 -16.06 -2.32 23.90
CA ILE D 54 -17.07 -1.42 23.35
C ILE D 54 -16.84 -1.23 21.86
N PRO D 55 -17.75 -1.76 21.04
CA PRO D 55 -17.65 -1.65 19.58
C PRO D 55 -17.67 -0.18 19.16
N ASP D 56 -16.98 0.14 18.06
CA ASP D 56 -16.88 1.52 17.58
C ASP D 56 -18.24 2.22 17.49
N GLU D 57 -19.31 1.44 17.38
CA GLU D 57 -20.64 2.01 17.19
C GLU D 57 -21.24 2.56 18.48
N GLU D 58 -20.98 1.87 19.60
CA GLU D 58 -21.39 2.36 20.92
C GLU D 58 -20.47 3.48 21.35
N ALA D 59 -19.20 3.29 21.07
CA ALA D 59 -18.16 4.23 21.51
C ALA D 59 -18.50 5.60 20.94
N GLU D 60 -18.87 5.62 19.67
CA GLU D 60 -19.17 6.87 18.95
C GLU D 60 -20.31 7.64 19.60
N LYS D 61 -21.17 6.93 20.33
CA LYS D 61 -22.35 7.53 20.94
C LYS D 61 -22.03 8.11 22.32
N ILE D 62 -21.03 7.53 22.99
CA ILE D 62 -20.68 7.94 24.34
C ILE D 62 -20.01 9.31 24.37
N THR D 63 -20.81 10.37 24.37
CA THR D 63 -20.31 11.74 24.30
C THR D 63 -20.43 12.49 25.63
N THR D 64 -21.20 11.93 26.56
CA THR D 64 -21.36 12.50 27.90
C THR D 64 -21.10 11.48 29.00
N VAL D 65 -20.81 11.99 30.19
CA VAL D 65 -20.71 11.15 31.38
C VAL D 65 -21.89 10.17 31.52
N GLN D 66 -23.10 10.68 31.31
CA GLN D 66 -24.31 9.87 31.53
C GLN D 66 -24.38 8.70 30.56
N ALA D 67 -23.95 8.95 29.32
CA ALA D 67 -23.94 7.94 28.29
C ALA D 67 -22.99 6.81 28.68
N ALA D 68 -21.88 7.19 29.31
CA ALA D 68 -20.90 6.21 29.76
C ALA D 68 -21.49 5.36 30.88
N ILE D 69 -22.12 6.01 31.84
CA ILE D 69 -22.80 5.31 32.93
C ILE D 69 -23.86 4.36 32.39
N ASP D 70 -24.67 4.84 31.45
CA ASP D 70 -25.73 4.05 30.88
C ASP D 70 -25.22 2.78 30.21
N TYR D 71 -24.27 2.94 29.30
CA TYR D 71 -23.75 1.79 28.57
C TYR D 71 -23.16 0.77 29.52
N ILE D 72 -22.26 1.23 30.39
CA ILE D 72 -21.56 0.35 31.32
C ILE D 72 -22.49 -0.43 32.22
N ASN D 73 -23.56 0.22 32.67
CA ASN D 73 -24.49 -0.43 33.57
C ASN D 73 -25.30 -1.57 32.94
N GLY D 74 -25.80 -1.34 31.73
CA GLY D 74 -26.58 -2.34 31.04
C GLY D 74 -25.75 -3.47 30.48
N HIS D 75 -24.56 -3.68 31.06
CA HIS D 75 -23.65 -4.73 30.59
C HIS D 75 -22.84 -5.34 31.72
OAE ZMK E . -10.00 -7.60 -16.22
CBB ZMK E . -9.35 -7.76 -17.24
OAX ZMK E . -8.12 -7.00 -17.42
CAA ZMK E . -7.28 -6.65 -16.29
CAR ZMK E . -9.84 -8.71 -18.31
CAM ZMK E . -8.72 -9.13 -19.26
CAL ZMK E . -8.15 -10.49 -18.86
CAN ZMK E . -7.59 -11.23 -20.07
CAT ZMK E . -6.93 -12.55 -19.67
CBC ZMK E . -5.94 -12.96 -20.75
OAF ZMK E . -4.81 -12.50 -20.73
SAZ ZMK E . -6.32 -14.01 -21.97
CAQ ZMK E . -5.64 -13.26 -23.41
CAO ZMK E . -4.51 -14.11 -23.95
NAV ZMK E . -3.85 -13.22 -24.88
CBA ZMK E . -4.39 -12.39 -25.77
OAD ZMK E . -5.58 -12.25 -25.96
CAS ZMK E . -3.42 -11.60 -26.60
CAP ZMK E . -3.26 -12.32 -27.93
NAW ZMK E . -1.83 -12.22 -28.14
CBD ZMK E . -1.06 -12.88 -28.99
OAG ZMK E . -1.48 -13.74 -29.74
CBE ZMK E . 0.40 -12.54 -28.94
OAI ZMK E . 1.13 -13.58 -29.61
CBF ZMK E . 0.73 -11.23 -29.63
CAC ZMK E . -0.37 -10.20 -29.41
CAB ZMK E . 0.91 -11.48 -31.12
CAU ZMK E . 2.05 -10.74 -29.04
OAY ZMK E . 3.07 -11.23 -29.92
PBG ZMK E . 4.22 -10.27 -30.50
OAJ ZMK E . 4.72 -9.46 -29.33
OAK ZMK E . 5.22 -11.26 -31.05
OAH ZMK E . 3.46 -9.50 -31.55
OAE ZMK F . 10.14 7.52 16.62
CBB ZMK F . 9.06 8.09 16.61
OAX ZMK F . 7.85 7.30 16.66
CAA ZMK F . 7.59 6.33 17.70
CAR ZMK F . 8.95 9.59 16.52
CAM ZMK F . 8.19 10.07 17.76
CAL ZMK F . 7.29 11.24 17.44
CAN ZMK F . 7.81 12.49 18.13
CAT ZMK F . 7.10 12.72 19.46
CBC ZMK F . 5.87 13.56 19.21
OAF ZMK F . 4.75 13.07 19.21
SAZ ZMK F . 5.98 15.19 18.91
CAQ ZMK F . 4.29 15.65 19.05
CAO ZMK F . 3.64 15.63 17.69
NAV ZMK F . 2.22 15.88 17.93
CBA ZMK F . 1.29 15.96 16.99
OAD ZMK F . 1.54 15.83 15.80
CAS ZMK F . -0.13 16.21 17.42
CAP ZMK F . -0.66 17.40 16.66
NAW ZMK F . -2.00 16.93 16.34
CBD ZMK F . -3.12 17.32 16.93
OAG ZMK F . -3.18 18.14 17.83
CBE ZMK F . -4.35 16.64 16.39
OAI ZMK F . -3.96 15.41 15.77
CBF ZMK F . -5.34 16.35 17.49
CAC ZMK F . -5.93 17.63 18.04
CAB ZMK F . -4.68 15.55 18.61
CAU ZMK F . -6.44 15.53 16.85
OAY ZMK F . -7.58 15.66 17.69
PBG ZMK F . -8.97 14.99 17.27
OAJ ZMK F . -8.88 14.86 15.77
OAK ZMK F . -8.95 13.67 18.00
OAH ZMK F . -9.97 15.99 17.78
#